data_6HGZ
#
_entry.id   6HGZ
#
_cell.length_a   66.793
_cell.length_b   97.638
_cell.length_c   106.446
_cell.angle_alpha   90.00
_cell.angle_beta   90.00
_cell.angle_gamma   90.00
#
_symmetry.space_group_name_H-M   'P 21 21 21'
#
loop_
_entity.id
_entity.type
_entity.pdbx_description
1 polymer 'ADP-ribosylhydrolase like 2'
2 non-polymer 'MAGNESIUM ION'
3 non-polymer '[(2R,3S,4R,5R)-5-(6-AMINOPURIN-9-YL)-3,4-DIHYDROXY-OXOLAN-2-YL]METHYL [HYDROXY-[[(2R,3S,4R,5S)-3,4,5-TRIHYDROXYOXOLAN-2-YL]METHOXY]PHOSPHORYL] HYDROGEN PHOSPHATE'
4 non-polymer GLYCEROL
5 water water
#
_entity_poly.entity_id   1
_entity_poly.type   'polypeptide(L)'
_entity_poly.pdbx_seq_one_letter_code
;GPMVSLAQVRGALCGALLGDCMGAEFEGSDAVELPDVLEFVRLLEKEKKAGTLFYTDDTAMTRAVIQSLIAKPDFDEVDM
AKRFAEEYKKEPTRGYGAGVVQVFKKLLSPKYSDVFQPAREQFDGKGSYGNGGAMRVASIALAYPNIQDVIKFARRSAQL
THASPLGYNGAILQALAVHFALQGELKRDTFLEQLIGEMERIEGGEMSASDAGEHDRPNEVKLPFCSRLKKIKEFLASSN
VPKADIVDELGHGIAALESVPTAIYSFLHCMESDPDIPDLYNNLQRTIIYSISLGGDTDTIATMAGAIAGAYYGMDQVTP
SWKRSCEAIVETEESAVKLYELYCKQLKTP
;
_entity_poly.pdbx_strand_id   A,B
#
# COMPACT_ATOMS: atom_id res chain seq x y z
N MET A 3 -29.62 25.11 5.68
CA MET A 3 -29.27 24.84 7.15
C MET A 3 -28.57 23.47 7.25
N VAL A 4 -27.29 23.44 7.52
CA VAL A 4 -26.52 22.20 7.58
C VAL A 4 -27.03 21.34 8.76
N SER A 5 -27.20 20.06 8.50
CA SER A 5 -27.75 19.19 9.52
C SER A 5 -26.63 18.31 10.07
N LEU A 6 -26.86 17.75 11.26
CA LEU A 6 -26.03 16.77 11.84
C LEU A 6 -25.85 15.58 10.88
N ALA A 7 -26.94 15.17 10.22
CA ALA A 7 -26.93 14.08 9.28
C ALA A 7 -25.87 14.29 8.18
N GLN A 8 -25.68 15.53 7.70
CA GLN A 8 -24.69 15.85 6.67
C GLN A 8 -23.25 15.80 7.22
N VAL A 9 -23.05 16.32 8.43
CA VAL A 9 -21.73 16.27 9.05
C VAL A 9 -21.35 14.82 9.36
N ARG A 10 -22.30 14.05 9.90
CA ARG A 10 -22.02 12.66 10.20
C ARG A 10 -21.81 11.88 8.89
N GLY A 11 -22.64 12.18 7.88
CA GLY A 11 -22.50 11.63 6.56
C GLY A 11 -21.11 11.83 5.99
N ALA A 12 -20.57 13.06 6.16
CA ALA A 12 -19.26 13.39 5.58
C ALA A 12 -18.17 12.51 6.21
N LEU A 13 -18.13 12.50 7.55
CA LEU A 13 -17.14 11.74 8.26
C LEU A 13 -17.32 10.24 7.99
N CYS A 14 -18.56 9.71 8.00
CA CYS A 14 -18.72 8.27 7.81
C CYS A 14 -18.37 7.89 6.38
N GLY A 15 -18.62 8.84 5.46
CA GLY A 15 -18.25 8.69 4.07
C GLY A 15 -16.74 8.62 3.89
N ALA A 16 -16.01 9.50 4.61
CA ALA A 16 -14.57 9.50 4.56
C ALA A 16 -14.02 8.18 5.12
N LEU A 17 -14.60 7.74 6.25
CA LEU A 17 -14.15 6.52 6.88
C LEU A 17 -14.34 5.30 5.96
N LEU A 18 -15.51 5.18 5.31
CA LEU A 18 -15.80 4.08 4.41
C LEU A 18 -14.83 4.09 3.24
N GLY A 19 -14.62 5.28 2.64
CA GLY A 19 -13.75 5.38 1.49
C GLY A 19 -12.35 4.91 1.84
N ASP A 20 -11.84 5.31 3.00
CA ASP A 20 -10.55 4.91 3.47
C ASP A 20 -10.51 3.39 3.69
N CYS A 21 -11.39 2.88 4.55
CA CYS A 21 -11.44 1.42 4.92
C CYS A 21 -11.61 0.53 3.70
N MET A 22 -12.52 0.88 2.78
CA MET A 22 -12.81 0.06 1.63
C MET A 22 -11.77 0.30 0.53
N GLY A 23 -11.29 1.54 0.38
CA GLY A 23 -10.28 1.89 -0.62
C GLY A 23 -8.95 1.21 -0.33
N ALA A 24 -8.63 1.09 0.96
CA ALA A 24 -7.35 0.58 1.43
C ALA A 24 -7.09 -0.79 0.86
N GLU A 25 -8.16 -1.58 0.71
CA GLU A 25 -8.11 -2.94 0.29
C GLU A 25 -7.67 -3.07 -1.17
N PHE A 26 -7.65 -1.98 -1.94
CA PHE A 26 -7.30 -2.04 -3.37
C PHE A 26 -6.12 -1.12 -3.70
N GLU A 27 -5.49 -0.54 -2.67
CA GLU A 27 -4.51 0.58 -2.78
C GLU A 27 -3.32 0.17 -3.62
N GLY A 28 -2.91 1.05 -4.53
CA GLY A 28 -1.69 0.87 -5.29
C GLY A 28 -1.83 -0.09 -6.46
N SER A 29 -2.98 -0.77 -6.61
CA SER A 29 -3.25 -1.45 -7.90
C SER A 29 -3.66 -0.38 -8.90
N ASP A 30 -2.92 -0.28 -10.02
CA ASP A 30 -3.14 0.81 -10.93
C ASP A 30 -4.04 0.34 -12.09
N ALA A 31 -4.42 -0.94 -12.10
CA ALA A 31 -5.63 -1.45 -12.78
C ALA A 31 -6.49 -2.16 -11.71
N VAL A 32 -7.70 -1.65 -11.46
CA VAL A 32 -8.65 -2.36 -10.63
C VAL A 32 -9.84 -2.69 -11.52
N GLU A 33 -10.53 -3.78 -11.24
CA GLU A 33 -11.66 -4.13 -12.09
C GLU A 33 -12.92 -4.08 -11.23
N LEU A 34 -13.95 -3.42 -11.76
CA LEU A 34 -15.20 -3.20 -11.10
C LEU A 34 -15.77 -4.52 -10.60
N PRO A 35 -15.72 -5.65 -11.32
CA PRO A 35 -16.23 -6.91 -10.76
C PRO A 35 -15.61 -7.29 -9.41
N ASP A 36 -14.33 -6.96 -9.20
CA ASP A 36 -13.63 -7.23 -7.96
C ASP A 36 -14.24 -6.39 -6.83
N VAL A 37 -14.55 -5.13 -7.15
CA VAL A 37 -15.12 -4.19 -6.18
C VAL A 37 -16.53 -4.67 -5.81
N LEU A 38 -17.32 -5.09 -6.79
CA LEU A 38 -18.67 -5.52 -6.52
C LEU A 38 -18.65 -6.80 -5.69
N GLU A 39 -17.75 -7.74 -5.98
CA GLU A 39 -17.65 -8.95 -5.17
CA GLU A 39 -17.64 -8.96 -5.18
C GLU A 39 -17.26 -8.56 -3.75
N PHE A 40 -16.29 -7.65 -3.62
CA PHE A 40 -15.81 -7.22 -2.34
C PHE A 40 -16.97 -6.68 -1.50
N VAL A 41 -17.74 -5.78 -2.09
CA VAL A 41 -18.88 -5.17 -1.43
C VAL A 41 -19.93 -6.24 -1.00
N ARG A 42 -20.21 -7.21 -1.85
CA ARG A 42 -21.23 -8.21 -1.52
C ARG A 42 -20.78 -9.02 -0.30
N LEU A 43 -19.50 -9.40 -0.27
CA LEU A 43 -18.92 -10.16 0.86
C LEU A 43 -18.94 -9.32 2.13
N LEU A 44 -18.75 -8.04 1.94
CA LEU A 44 -18.69 -7.12 3.03
C LEU A 44 -20.05 -7.06 3.75
N GLU A 45 -21.12 -7.00 2.97
CA GLU A 45 -22.48 -6.89 3.48
C GLU A 45 -22.84 -8.15 4.30
N LYS A 46 -22.26 -9.30 3.94
CA LYS A 46 -22.60 -10.61 4.58
C LYS A 46 -21.75 -10.89 5.82
N GLU A 47 -20.68 -10.15 6.03
CA GLU A 47 -19.75 -10.41 7.10
C GLU A 47 -20.52 -10.32 8.43
N LYS A 48 -20.42 -11.37 9.26
CA LYS A 48 -21.12 -11.43 10.53
C LYS A 48 -20.36 -10.62 11.59
N LYS A 49 -19.02 -10.65 11.54
CA LYS A 49 -18.16 -9.86 12.45
C LYS A 49 -18.13 -8.39 12.01
N ALA A 50 -18.33 -7.46 12.96
CA ALA A 50 -18.25 -6.03 12.68
C ALA A 50 -16.78 -5.58 12.83
N GLY A 51 -16.44 -4.44 12.22
CA GLY A 51 -15.11 -3.84 12.35
C GLY A 51 -13.99 -4.69 11.74
N THR A 52 -14.25 -5.38 10.62
CA THR A 52 -13.21 -6.17 9.97
C THR A 52 -12.28 -5.29 9.12
N LEU A 53 -12.72 -4.08 8.75
CA LEU A 53 -11.87 -3.23 7.92
C LEU A 53 -11.19 -2.15 8.78
N PHE A 54 -9.86 -2.16 8.76
CA PHE A 54 -9.04 -1.19 9.49
C PHE A 54 -8.82 0.06 8.64
N TYR A 55 -8.79 1.22 9.31
CA TYR A 55 -8.59 2.43 8.64
C TYR A 55 -7.09 2.69 8.54
N THR A 56 -6.70 3.70 7.75
CA THR A 56 -5.32 3.96 7.44
C THR A 56 -4.96 5.35 7.94
N ASP A 57 -3.81 5.88 7.46
CA ASP A 57 -3.29 7.18 7.86
C ASP A 57 -4.32 8.27 7.52
N ASP A 58 -5.10 8.10 6.46
CA ASP A 58 -6.13 9.08 6.05
C ASP A 58 -7.06 9.39 7.24
N THR A 59 -7.54 8.32 7.90
CA THR A 59 -8.46 8.44 9.00
C THR A 59 -7.70 8.83 10.27
N ALA A 60 -6.54 8.23 10.50
CA ALA A 60 -5.69 8.58 11.63
C ALA A 60 -5.52 10.10 11.72
N MET A 61 -5.14 10.72 10.59
CA MET A 61 -4.87 12.14 10.54
C MET A 61 -6.19 12.93 10.63
N THR A 62 -7.27 12.39 10.05
CA THR A 62 -8.58 12.97 10.12
C THR A 62 -8.99 13.11 11.58
N ARG A 63 -8.77 12.06 12.36
CA ARG A 63 -9.19 12.05 13.75
C ARG A 63 -8.36 13.08 14.53
N ALA A 64 -7.09 13.22 14.15
CA ALA A 64 -6.21 14.19 14.80
C ALA A 64 -6.65 15.62 14.49
N VAL A 65 -7.02 15.89 13.23
CA VAL A 65 -7.57 17.20 12.88
C VAL A 65 -8.76 17.51 13.80
N ILE A 66 -9.70 16.58 13.89
CA ILE A 66 -10.93 16.77 14.62
C ILE A 66 -10.64 17.04 16.10
N GLN A 67 -9.75 16.24 16.71
CA GLN A 67 -9.47 16.43 18.11
C GLN A 67 -8.91 17.85 18.33
N SER A 68 -8.10 18.31 17.37
CA SER A 68 -7.50 19.64 17.45
C SER A 68 -8.59 20.72 17.38
N LEU A 69 -9.53 20.57 16.44
CA LEU A 69 -10.59 21.58 16.23
C LEU A 69 -11.44 21.62 17.49
N ILE A 70 -11.67 20.48 18.14
CA ILE A 70 -12.54 20.43 19.30
C ILE A 70 -11.82 21.03 20.49
N ALA A 71 -10.56 20.67 20.68
CA ALA A 71 -9.76 21.25 21.77
C ALA A 71 -9.60 22.76 21.59
N LYS A 72 -9.38 23.19 20.35
CA LYS A 72 -9.00 24.57 19.98
C LYS A 72 -9.85 25.04 18.81
N PRO A 73 -11.11 25.43 19.09
CA PRO A 73 -12.06 25.74 18.03
C PRO A 73 -11.62 26.91 17.14
N ASP A 74 -10.68 27.74 17.60
CA ASP A 74 -10.27 28.95 16.84
C ASP A 74 -9.19 28.60 15.81
N PHE A 75 -8.74 27.34 15.86
CA PHE A 75 -7.73 26.77 15.01
C PHE A 75 -6.34 27.13 15.57
N ASP A 76 -5.64 26.09 16.05
CA ASP A 76 -4.34 26.17 16.64
C ASP A 76 -3.42 25.18 15.91
N GLU A 77 -2.62 25.72 14.99
CA GLU A 77 -1.74 24.94 14.17
C GLU A 77 -0.66 24.26 15.00
N VAL A 78 -0.31 24.83 16.15
CA VAL A 78 0.69 24.25 17.02
C VAL A 78 0.08 22.99 17.65
N ASP A 79 -1.10 23.11 18.27
CA ASP A 79 -1.79 22.00 18.85
C ASP A 79 -1.97 20.90 17.78
N MET A 80 -2.37 21.30 16.55
CA MET A 80 -2.65 20.36 15.49
C MET A 80 -1.40 19.54 15.11
N ALA A 81 -0.27 20.25 14.98
CA ALA A 81 1.01 19.69 14.60
C ALA A 81 1.43 18.64 15.63
N LYS A 82 1.29 19.01 16.91
CA LYS A 82 1.63 18.12 18.00
CA LYS A 82 1.60 18.12 18.03
C LYS A 82 0.80 16.84 17.89
N ARG A 83 -0.50 16.98 17.65
CA ARG A 83 -1.39 15.82 17.56
C ARG A 83 -1.02 14.92 16.37
N PHE A 84 -0.73 15.52 15.21
CA PHE A 84 -0.26 14.76 14.06
C PHE A 84 0.97 13.93 14.45
N ALA A 85 1.95 14.58 15.11
CA ALA A 85 3.22 13.93 15.49
C ALA A 85 2.98 12.84 16.54
N GLU A 86 2.16 13.11 17.55
CA GLU A 86 1.88 12.13 18.63
CA GLU A 86 1.93 12.11 18.60
C GLU A 86 1.13 10.93 18.04
N GLU A 87 0.20 11.19 17.11
CA GLU A 87 -0.60 10.10 16.48
C GLU A 87 0.33 9.19 15.67
N TYR A 88 1.22 9.81 14.87
CA TYR A 88 2.19 9.06 14.09
C TYR A 88 3.02 8.18 15.04
N LYS A 89 3.47 8.78 16.14
CA LYS A 89 4.28 8.08 17.06
C LYS A 89 3.54 6.90 17.70
N LYS A 90 2.28 7.11 18.05
CA LYS A 90 1.46 6.10 18.66
C LYS A 90 1.22 4.93 17.68
N GLU A 91 1.01 5.23 16.41
CA GLU A 91 0.58 4.24 15.42
C GLU A 91 1.32 4.48 14.12
N PRO A 92 2.64 4.16 14.07
CA PRO A 92 3.45 4.51 12.92
C PRO A 92 3.16 3.70 11.66
N THR A 93 2.42 2.60 11.79
CA THR A 93 2.28 1.71 10.63
C THR A 93 0.89 1.83 9.97
N ARG A 94 0.15 2.90 10.18
CA ARG A 94 -1.19 3.08 9.58
C ARG A 94 -1.11 3.26 8.04
N GLY A 95 0.06 3.60 7.50
CA GLY A 95 0.32 3.59 6.03
C GLY A 95 0.68 4.97 5.47
N TYR A 96 1.46 5.75 6.23
CA TYR A 96 1.87 7.09 5.91
C TYR A 96 2.83 7.14 4.73
N GLY A 97 2.72 8.20 3.93
CA GLY A 97 3.72 8.46 2.85
C GLY A 97 5.14 8.43 3.41
N ALA A 98 6.09 8.00 2.58
CA ALA A 98 7.46 7.83 3.01
C ALA A 98 8.11 9.18 3.38
N GLY A 99 7.74 10.26 2.66
CA GLY A 99 8.29 11.57 2.95
C GLY A 99 7.80 12.12 4.28
N VAL A 100 6.49 12.05 4.47
CA VAL A 100 5.83 12.79 5.55
C VAL A 100 6.29 12.28 6.91
N VAL A 101 6.77 11.03 6.96
CA VAL A 101 7.25 10.45 8.18
C VAL A 101 8.35 11.34 8.79
N GLN A 102 9.15 11.95 7.92
CA GLN A 102 10.28 12.79 8.34
C GLN A 102 9.75 14.07 8.97
N VAL A 103 8.59 14.55 8.52
CA VAL A 103 8.01 15.72 9.10
C VAL A 103 7.64 15.40 10.54
N PHE A 104 7.00 14.25 10.74
CA PHE A 104 6.56 13.91 12.08
C PHE A 104 7.77 13.80 13.01
N LYS A 105 8.87 13.21 12.53
CA LYS A 105 10.02 12.97 13.38
C LYS A 105 10.69 14.32 13.76
N LYS A 106 10.72 15.26 12.82
CA LYS A 106 11.22 16.58 13.12
C LYS A 106 10.31 17.27 14.15
N LEU A 107 8.98 17.16 14.01
CA LEU A 107 8.13 17.79 15.02
C LEU A 107 8.34 17.10 16.38
N LEU A 108 8.64 15.80 16.39
CA LEU A 108 8.75 15.06 17.66
C LEU A 108 10.07 15.44 18.37
N SER A 109 11.09 15.77 17.58
CA SER A 109 12.36 16.26 18.11
C SER A 109 12.19 17.63 18.76
N PRO A 110 13.13 18.06 19.62
CA PRO A 110 13.09 19.39 20.22
C PRO A 110 13.78 20.51 19.41
N LYS A 111 14.10 20.26 18.14
CA LYS A 111 14.99 21.12 17.35
C LYS A 111 14.19 22.23 16.61
N TYR A 112 12.87 22.11 16.49
CA TYR A 112 12.08 23.03 15.64
C TYR A 112 11.06 23.79 16.47
N SER A 113 11.14 25.11 16.45
CA SER A 113 10.17 25.93 17.15
C SER A 113 9.06 26.36 16.18
N ASP A 114 9.34 26.39 14.88
CA ASP A 114 8.37 26.75 13.87
C ASP A 114 7.78 25.45 13.31
N VAL A 115 6.52 25.17 13.65
CA VAL A 115 5.86 23.88 13.27
C VAL A 115 5.72 23.74 11.75
N PHE A 116 5.90 24.80 10.97
CA PHE A 116 5.77 24.73 9.50
C PHE A 116 7.11 24.40 8.83
N GLN A 117 8.20 24.47 9.59
CA GLN A 117 9.51 24.47 9.05
C GLN A 117 9.86 23.07 8.53
N PRO A 118 9.61 21.98 9.28
CA PRO A 118 9.87 20.63 8.75
C PRO A 118 9.27 20.40 7.36
N ALA A 119 8.04 20.85 7.15
CA ALA A 119 7.37 20.68 5.87
C ALA A 119 8.06 21.51 4.77
N ARG A 120 8.58 22.69 5.13
CA ARG A 120 9.28 23.55 4.18
C ARG A 120 10.54 22.83 3.69
N GLU A 121 11.14 22.00 4.55
CA GLU A 121 12.42 21.35 4.27
C GLU A 121 12.29 20.11 3.37
N GLN A 122 11.08 19.57 3.22
CA GLN A 122 10.82 18.37 2.42
C GLN A 122 11.25 18.59 0.97
N PHE A 123 11.84 17.54 0.36
CA PHE A 123 12.21 17.45 -1.05
C PHE A 123 13.05 18.66 -1.45
N ASP A 124 14.19 18.83 -0.76
CA ASP A 124 15.18 19.87 -1.08
C ASP A 124 14.52 21.27 -1.06
N GLY A 125 13.62 21.48 -0.10
CA GLY A 125 13.01 22.79 0.16
C GLY A 125 11.79 23.07 -0.71
N LYS A 126 11.36 22.11 -1.54
CA LYS A 126 10.25 22.29 -2.47
C LYS A 126 8.91 21.92 -1.82
N GLY A 127 8.97 21.09 -0.77
CA GLY A 127 7.79 20.61 -0.04
C GLY A 127 7.04 19.54 -0.81
N SER A 128 6.19 18.76 -0.12
CA SER A 128 5.48 17.62 -0.73
C SER A 128 4.32 18.10 -1.59
N TYR A 129 4.16 17.46 -2.76
CA TYR A 129 3.03 17.64 -3.70
C TYR A 129 1.96 16.55 -3.50
N GLY A 130 2.09 15.75 -2.43
CA GLY A 130 1.18 14.62 -2.14
C GLY A 130 -0.21 15.03 -1.65
N ASN A 131 -1.13 14.05 -1.58
CA ASN A 131 -2.54 14.31 -1.31
C ASN A 131 -2.85 14.18 0.21
N GLY A 132 -1.82 14.03 1.03
CA GLY A 132 -1.98 13.82 2.42
C GLY A 132 -2.56 15.01 3.17
N GLY A 133 -2.37 16.21 2.62
CA GLY A 133 -3.01 17.39 3.13
C GLY A 133 -4.51 17.35 2.92
N ALA A 134 -4.91 16.91 1.73
CA ALA A 134 -6.30 16.86 1.27
C ALA A 134 -7.04 15.69 1.91
N MET A 135 -6.35 14.60 2.21
CA MET A 135 -7.02 13.38 2.60
C MET A 135 -7.71 13.57 3.95
N ARG A 136 -7.19 14.50 4.76
CA ARG A 136 -7.62 14.73 6.17
C ARG A 136 -8.40 16.05 6.32
N VAL A 137 -8.61 16.79 5.23
CA VAL A 137 -9.04 18.22 5.34
C VAL A 137 -10.54 18.43 5.49
N ALA A 138 -11.38 17.45 5.15
CA ALA A 138 -12.82 17.66 5.02
C ALA A 138 -13.42 18.35 6.25
N SER A 139 -12.93 17.96 7.43
CA SER A 139 -13.42 18.44 8.72
C SER A 139 -13.36 19.96 8.83
N ILE A 140 -12.42 20.59 8.11
CA ILE A 140 -12.30 22.05 8.17
C ILE A 140 -13.61 22.67 7.63
N ALA A 141 -14.12 22.09 6.54
CA ALA A 141 -15.37 22.54 5.92
C ALA A 141 -16.59 22.23 6.80
N LEU A 142 -16.46 21.24 7.68
CA LEU A 142 -17.54 20.79 8.57
C LEU A 142 -17.58 21.64 9.85
N ALA A 143 -16.48 22.34 10.15
CA ALA A 143 -16.38 23.09 11.35
C ALA A 143 -16.53 24.60 11.07
N TYR A 144 -16.28 25.03 9.83
CA TYR A 144 -16.21 26.45 9.56
C TYR A 144 -17.16 26.79 8.40
N PRO A 145 -18.29 27.44 8.72
CA PRO A 145 -19.26 27.85 7.70
C PRO A 145 -18.73 28.85 6.65
N ASN A 146 -17.93 29.84 7.09
CA ASN A 146 -17.48 30.91 6.22
C ASN A 146 -16.35 30.39 5.34
N ILE A 147 -16.48 30.59 4.03
CA ILE A 147 -15.56 30.11 3.01
C ILE A 147 -14.14 30.66 3.23
N GLN A 148 -14.03 31.89 3.72
CA GLN A 148 -12.67 32.47 3.92
C GLN A 148 -11.91 31.68 5.00
N ASP A 149 -12.59 31.29 6.07
CA ASP A 149 -12.04 30.41 7.10
C ASP A 149 -11.65 29.04 6.54
N VAL A 150 -12.54 28.44 5.74
CA VAL A 150 -12.31 27.17 5.12
C VAL A 150 -11.00 27.23 4.33
N ILE A 151 -10.87 28.23 3.48
CA ILE A 151 -9.66 28.39 2.67
C ILE A 151 -8.42 28.54 3.55
N LYS A 152 -8.39 29.51 4.47
CA LYS A 152 -7.11 29.79 5.17
C LYS A 152 -6.74 28.62 6.09
N PHE A 153 -7.74 27.93 6.69
CA PHE A 153 -7.46 26.84 7.62
C PHE A 153 -7.18 25.53 6.88
N ALA A 154 -7.78 25.35 5.71
CA ALA A 154 -7.42 24.25 4.86
C ALA A 154 -5.96 24.40 4.49
N ARG A 155 -5.57 25.60 4.05
CA ARG A 155 -4.19 25.86 3.64
C ARG A 155 -3.23 25.57 4.80
N ARG A 156 -3.52 26.14 5.98
CA ARG A 156 -2.61 26.03 7.13
C ARG A 156 -2.55 24.60 7.66
N SER A 157 -3.70 23.92 7.79
CA SER A 157 -3.71 22.54 8.23
C SER A 157 -2.80 21.72 7.30
N ALA A 158 -2.87 21.99 5.99
CA ALA A 158 -2.14 21.25 4.99
C ALA A 158 -0.64 21.55 5.07
N GLN A 159 -0.30 22.82 5.31
CA GLN A 159 1.10 23.25 5.31
C GLN A 159 1.90 22.68 6.49
N LEU A 160 1.22 22.06 7.48
CA LEU A 160 1.98 21.33 8.52
C LEU A 160 2.79 20.17 7.92
N THR A 161 2.35 19.59 6.80
CA THR A 161 3.03 18.48 6.16
C THR A 161 3.37 18.75 4.68
N HIS A 162 2.63 19.68 4.06
CA HIS A 162 2.71 19.87 2.60
C HIS A 162 2.94 21.34 2.24
N ALA A 163 4.20 21.68 1.92
CA ALA A 163 4.63 23.07 1.73
C ALA A 163 4.61 23.45 0.25
N SER A 164 4.47 22.48 -0.65
CA SER A 164 4.34 22.81 -2.06
C SER A 164 2.95 23.38 -2.32
N PRO A 165 2.81 24.45 -3.13
CA PRO A 165 1.48 24.92 -3.52
C PRO A 165 0.58 23.80 -4.07
N LEU A 166 1.15 22.82 -4.79
CA LEU A 166 0.37 21.70 -5.31
C LEU A 166 -0.23 20.90 -4.15
N GLY A 167 0.55 20.68 -3.08
CA GLY A 167 0.07 20.03 -1.89
C GLY A 167 -1.08 20.79 -1.23
N TYR A 168 -0.86 22.06 -0.89
CA TYR A 168 -1.80 22.75 -0.02
C TYR A 168 -2.97 23.33 -0.83
N ASN A 169 -2.79 23.69 -2.11
CA ASN A 169 -3.95 24.08 -2.95
C ASN A 169 -4.88 22.89 -3.21
N GLY A 170 -4.33 21.67 -3.24
CA GLY A 170 -5.16 20.47 -3.34
C GLY A 170 -6.02 20.27 -2.11
N ALA A 171 -5.46 20.56 -0.94
CA ALA A 171 -6.21 20.52 0.31
C ALA A 171 -7.33 21.58 0.29
N ILE A 172 -7.03 22.77 -0.23
CA ILE A 172 -8.00 23.84 -0.32
C ILE A 172 -9.17 23.39 -1.20
N LEU A 173 -8.82 22.80 -2.35
CA LEU A 173 -9.82 22.39 -3.32
C LEU A 173 -10.75 21.33 -2.71
N GLN A 174 -10.17 20.33 -2.03
CA GLN A 174 -10.93 19.25 -1.42
C GLN A 174 -11.85 19.86 -0.35
N ALA A 175 -11.31 20.78 0.47
CA ALA A 175 -12.11 21.46 1.52
C ALA A 175 -13.25 22.27 0.89
N LEU A 176 -12.98 22.97 -0.23
CA LEU A 176 -14.04 23.74 -0.92
C LEU A 176 -15.13 22.80 -1.46
N ALA A 177 -14.71 21.64 -1.98
CA ALA A 177 -15.65 20.70 -2.56
C ALA A 177 -16.63 20.23 -1.48
N VAL A 178 -16.10 19.91 -0.30
CA VAL A 178 -16.92 19.52 0.82
C VAL A 178 -17.79 20.71 1.27
N HIS A 179 -17.21 21.91 1.34
CA HIS A 179 -17.98 23.15 1.66
C HIS A 179 -19.25 23.29 0.78
N PHE A 180 -19.06 23.27 -0.55
CA PHE A 180 -20.16 23.51 -1.48
C PHE A 180 -21.14 22.31 -1.48
N ALA A 181 -20.66 21.08 -1.24
CA ALA A 181 -21.55 19.88 -1.05
C ALA A 181 -22.46 20.04 0.17
N LEU A 182 -21.99 20.74 1.20
CA LEU A 182 -22.79 20.92 2.39
C LEU A 182 -23.96 21.87 2.17
N GLN A 183 -23.82 22.81 1.22
CA GLN A 183 -24.78 23.92 1.07
CA GLN A 183 -24.78 23.92 1.10
C GLN A 183 -26.07 23.45 0.41
N GLY A 184 -26.38 22.15 0.47
CA GLY A 184 -27.64 21.66 -0.11
C GLY A 184 -27.43 21.15 -1.52
N GLU A 185 -28.53 21.01 -2.27
CA GLU A 185 -28.53 20.32 -3.53
C GLU A 185 -28.10 21.29 -4.63
N LEU A 186 -26.80 21.61 -4.66
CA LEU A 186 -26.20 22.28 -5.79
C LEU A 186 -26.27 21.35 -6.99
N LYS A 187 -26.68 21.91 -8.11
CA LYS A 187 -26.59 21.35 -9.44
C LYS A 187 -25.11 21.24 -9.82
N ARG A 188 -24.78 20.27 -10.67
CA ARG A 188 -23.40 20.01 -11.09
C ARG A 188 -22.70 21.25 -11.65
N ASP A 189 -23.37 21.95 -12.54
CA ASP A 189 -22.76 23.03 -13.31
C ASP A 189 -22.35 24.17 -12.36
N THR A 190 -23.22 24.45 -11.38
CA THR A 190 -23.01 25.51 -10.39
C THR A 190 -21.87 25.09 -9.45
N PHE A 191 -21.92 23.86 -8.94
CA PHE A 191 -20.87 23.29 -8.08
C PHE A 191 -19.49 23.51 -8.69
N LEU A 192 -19.31 23.15 -9.96
CA LEU A 192 -18.02 23.26 -10.62
C LEU A 192 -17.63 24.73 -10.86
N GLU A 193 -18.62 25.56 -11.21
CA GLU A 193 -18.44 27.00 -11.38
C GLU A 193 -17.94 27.59 -10.06
N GLN A 194 -18.58 27.18 -8.95
CA GLN A 194 -18.16 27.62 -7.64
C GLN A 194 -16.68 27.28 -7.47
N LEU A 195 -16.28 26.02 -7.72
CA LEU A 195 -14.89 25.57 -7.45
C LEU A 195 -13.90 26.29 -8.39
N ILE A 196 -14.24 26.40 -9.67
CA ILE A 196 -13.34 26.99 -10.65
C ILE A 196 -13.15 28.49 -10.31
N GLY A 197 -14.25 29.15 -9.92
CA GLY A 197 -14.24 30.53 -9.45
C GLY A 197 -13.23 30.77 -8.35
N GLU A 198 -13.26 29.92 -7.32
CA GLU A 198 -12.38 30.03 -6.16
C GLU A 198 -10.94 29.68 -6.54
N MET A 199 -10.73 28.62 -7.34
CA MET A 199 -9.37 28.17 -7.59
C MET A 199 -8.63 29.15 -8.51
N GLU A 200 -9.33 29.85 -9.41
CA GLU A 200 -8.67 30.82 -10.30
C GLU A 200 -8.05 31.93 -9.45
N ARG A 201 -8.81 32.40 -8.46
CA ARG A 201 -8.34 33.40 -7.51
C ARG A 201 -7.17 32.85 -6.68
N ILE A 202 -7.28 31.61 -6.19
CA ILE A 202 -6.25 31.01 -5.30
C ILE A 202 -4.95 30.73 -6.06
N GLU A 203 -5.07 30.11 -7.24
CA GLU A 203 -3.89 29.78 -8.04
C GLU A 203 -3.38 31.00 -8.80
N GLY A 204 -4.27 31.93 -9.16
CA GLY A 204 -3.99 32.99 -10.16
C GLY A 204 -2.93 33.98 -9.73
N LEU A 223 -2.13 27.39 -14.03
CA LEU A 223 -3.24 27.08 -13.11
C LEU A 223 -3.59 25.60 -13.16
N PRO A 224 -2.75 24.71 -12.59
CA PRO A 224 -2.93 23.26 -12.70
C PRO A 224 -4.33 22.77 -12.32
N PHE A 225 -4.80 23.15 -11.12
CA PHE A 225 -6.07 22.63 -10.62
C PHE A 225 -7.26 23.16 -11.43
N CYS A 226 -7.21 24.41 -11.87
CA CYS A 226 -8.27 24.95 -12.71
C CYS A 226 -8.35 24.16 -14.02
N SER A 227 -7.18 23.82 -14.57
CA SER A 227 -7.09 23.06 -15.79
CA SER A 227 -7.08 23.05 -15.78
C SER A 227 -7.86 21.75 -15.64
N ARG A 228 -7.55 20.98 -14.58
CA ARG A 228 -8.17 19.70 -14.35
C ARG A 228 -9.68 19.90 -14.12
N LEU A 229 -10.04 20.92 -13.33
CA LEU A 229 -11.46 21.20 -13.10
C LEU A 229 -12.18 21.46 -14.43
N LYS A 230 -11.53 22.16 -15.37
CA LYS A 230 -12.09 22.44 -16.72
C LYS A 230 -12.28 21.13 -17.49
N LYS A 231 -11.32 20.20 -17.39
CA LYS A 231 -11.43 18.90 -18.06
C LYS A 231 -12.59 18.10 -17.47
N ILE A 232 -12.81 18.23 -16.15
CA ILE A 232 -13.94 17.61 -15.50
C ILE A 232 -15.25 18.10 -16.11
N LYS A 233 -15.34 19.40 -16.36
CA LYS A 233 -16.53 20.02 -16.99
C LYS A 233 -16.80 19.31 -18.31
N GLU A 234 -15.72 19.24 -19.12
CA GLU A 234 -15.68 18.61 -20.42
C GLU A 234 -16.21 17.18 -20.32
N PHE A 235 -15.58 16.36 -19.46
CA PHE A 235 -15.95 14.98 -19.29
C PHE A 235 -17.43 14.85 -18.93
N LEU A 236 -17.90 15.61 -17.95
CA LEU A 236 -19.32 15.51 -17.51
C LEU A 236 -20.26 15.87 -18.66
N ALA A 237 -19.82 16.73 -19.59
CA ALA A 237 -20.60 17.10 -20.79
C ALA A 237 -20.65 15.96 -21.83
N SER A 238 -19.76 14.97 -21.70
CA SER A 238 -19.75 13.76 -22.54
C SER A 238 -20.50 12.63 -21.84
N SER A 239 -20.60 11.49 -22.52
CA SER A 239 -21.19 10.28 -21.95
C SER A 239 -20.34 9.06 -22.30
N ASN A 240 -20.41 8.05 -21.41
CA ASN A 240 -19.63 6.81 -21.49
C ASN A 240 -18.14 7.13 -21.68
N VAL A 241 -17.59 7.96 -20.78
CA VAL A 241 -16.19 8.28 -20.81
C VAL A 241 -15.45 7.06 -20.27
N PRO A 242 -14.60 6.39 -21.08
CA PRO A 242 -13.79 5.29 -20.57
C PRO A 242 -13.04 5.72 -19.28
N LYS A 243 -12.93 4.77 -18.35
CA LYS A 243 -12.16 4.94 -17.13
C LYS A 243 -10.70 5.26 -17.50
N ALA A 244 -10.19 4.62 -18.55
CA ALA A 244 -8.82 4.85 -19.01
C ALA A 244 -8.58 6.35 -19.26
N ASP A 245 -9.56 7.01 -19.86
CA ASP A 245 -9.47 8.41 -20.26
C ASP A 245 -9.46 9.31 -19.03
N ILE A 246 -10.32 8.97 -18.06
CA ILE A 246 -10.38 9.65 -16.76
C ILE A 246 -9.00 9.54 -16.08
N VAL A 247 -8.45 8.32 -16.04
CA VAL A 247 -7.18 8.10 -15.38
C VAL A 247 -6.10 8.87 -16.15
N ASP A 248 -6.15 8.81 -17.49
CA ASP A 248 -5.13 9.44 -18.33
C ASP A 248 -5.10 10.94 -18.09
N GLU A 249 -6.27 11.59 -18.01
CA GLU A 249 -6.33 13.05 -18.01
C GLU A 249 -6.35 13.62 -16.58
N LEU A 250 -6.98 12.93 -15.63
CA LEU A 250 -7.11 13.46 -14.26
C LEU A 250 -6.12 12.79 -13.31
N GLY A 251 -5.73 11.53 -13.59
CA GLY A 251 -4.80 10.81 -12.75
C GLY A 251 -5.52 9.98 -11.70
N HIS A 252 -4.77 9.11 -11.04
CA HIS A 252 -5.24 8.40 -9.85
C HIS A 252 -4.06 8.18 -8.90
N GLY A 253 -3.22 9.20 -8.73
CA GLY A 253 -1.90 9.05 -8.09
C GLY A 253 -1.90 9.59 -6.67
N ILE A 254 -0.75 9.47 -6.02
CA ILE A 254 -0.60 9.98 -4.66
C ILE A 254 -0.41 11.51 -4.69
N ALA A 255 -0.22 12.07 -5.87
CA ALA A 255 -0.06 13.53 -6.01
C ALA A 255 -1.42 14.20 -5.90
N ALA A 256 -1.49 15.31 -5.17
CA ALA A 256 -2.76 16.03 -5.01
C ALA A 256 -3.36 16.35 -6.38
N LEU A 257 -2.55 16.83 -7.31
CA LEU A 257 -3.05 17.23 -8.65
C LEU A 257 -3.75 16.06 -9.38
N GLU A 258 -3.33 14.84 -9.07
N GLU A 258 -3.33 14.84 -9.07
CA GLU A 258 -3.76 13.65 -9.78
CA GLU A 258 -3.76 13.65 -9.78
C GLU A 258 -4.77 12.84 -8.96
C GLU A 258 -4.77 12.84 -8.96
N SER A 259 -5.25 13.37 -7.83
CA SER A 259 -6.17 12.65 -6.99
C SER A 259 -7.34 13.54 -6.55
N VAL A 260 -7.08 14.79 -6.19
CA VAL A 260 -8.18 15.59 -5.67
C VAL A 260 -9.22 15.85 -6.76
N PRO A 261 -8.86 16.33 -7.97
CA PRO A 261 -9.83 16.45 -9.06
C PRO A 261 -10.53 15.15 -9.40
N THR A 262 -9.81 14.02 -9.30
CA THR A 262 -10.35 12.74 -9.62
C THR A 262 -11.48 12.38 -8.64
N ALA A 263 -11.28 12.73 -7.37
CA ALA A 263 -12.30 12.48 -6.32
C ALA A 263 -13.53 13.33 -6.61
N ILE A 264 -13.30 14.58 -7.01
CA ILE A 264 -14.39 15.52 -7.30
C ILE A 264 -15.16 14.99 -8.51
N TYR A 265 -14.46 14.49 -9.54
CA TYR A 265 -15.12 13.91 -10.71
C TYR A 265 -15.99 12.71 -10.31
N SER A 266 -15.44 11.83 -9.46
CA SER A 266 -16.14 10.64 -9.03
CA SER A 266 -16.13 10.65 -9.03
C SER A 266 -17.48 11.03 -8.40
N PHE A 267 -17.43 11.99 -7.47
CA PHE A 267 -18.62 12.48 -6.81
C PHE A 267 -19.61 13.02 -7.85
N LEU A 268 -19.13 13.89 -8.75
CA LEU A 268 -20.01 14.56 -9.70
C LEU A 268 -20.64 13.55 -10.69
N HIS A 269 -19.81 12.64 -11.19
CA HIS A 269 -20.21 11.57 -12.11
C HIS A 269 -21.29 10.73 -11.47
N CYS A 270 -21.13 10.40 -10.17
CA CYS A 270 -21.98 9.44 -9.50
C CYS A 270 -23.25 10.09 -8.94
N MET A 271 -23.43 11.39 -9.18
CA MET A 271 -24.75 12.02 -9.01
C MET A 271 -25.82 11.40 -9.90
N GLU A 272 -25.41 10.77 -11.02
CA GLU A 272 -26.33 10.04 -11.89
C GLU A 272 -25.89 8.59 -12.05
N SER A 273 -26.77 7.79 -12.66
CA SER A 273 -26.55 6.40 -12.94
C SER A 273 -25.21 6.20 -13.64
N ASP A 274 -24.48 5.17 -13.23
CA ASP A 274 -23.39 4.64 -13.99
C ASP A 274 -23.85 3.31 -14.56
N PRO A 275 -23.76 3.10 -15.89
CA PRO A 275 -24.22 1.86 -16.53
C PRO A 275 -23.63 0.54 -16.00
N ASP A 276 -22.46 0.62 -15.36
CA ASP A 276 -21.77 -0.55 -14.88
C ASP A 276 -22.15 -0.87 -13.43
N ILE A 277 -22.78 0.07 -12.72
CA ILE A 277 -23.00 -0.12 -11.33
C ILE A 277 -24.50 -0.29 -11.08
N PRO A 278 -24.92 -1.45 -10.54
CA PRO A 278 -26.35 -1.68 -10.32
C PRO A 278 -26.97 -0.51 -9.58
N ASP A 279 -28.18 -0.16 -9.99
CA ASP A 279 -28.90 0.96 -9.46
C ASP A 279 -29.51 0.65 -8.10
N LEU A 280 -29.30 -0.57 -7.57
CA LEU A 280 -29.74 -0.79 -6.20
C LEU A 280 -28.70 -0.26 -5.20
N TYR A 281 -27.51 0.14 -5.66
CA TYR A 281 -26.59 0.92 -4.81
C TYR A 281 -27.02 2.39 -4.84
N ASN A 282 -27.02 3.04 -3.67
CA ASN A 282 -27.39 4.44 -3.55
C ASN A 282 -26.23 5.26 -4.10
N ASN A 283 -26.40 6.59 -4.14
CA ASN A 283 -25.39 7.48 -4.76
C ASN A 283 -24.06 7.47 -4.05
N LEU A 284 -24.07 7.44 -2.71
CA LEU A 284 -22.84 7.44 -1.93
C LEU A 284 -22.08 6.13 -2.18
N GLN A 285 -22.79 5.01 -2.14
CA GLN A 285 -22.23 3.68 -2.42
C GLN A 285 -21.63 3.63 -3.84
N ARG A 286 -22.40 4.11 -4.82
CA ARG A 286 -21.97 4.28 -6.21
C ARG A 286 -20.65 5.08 -6.26
N THR A 287 -20.62 6.17 -5.50
CA THR A 287 -19.47 7.08 -5.48
C THR A 287 -18.24 6.30 -5.04
N ILE A 288 -18.36 5.53 -3.96
CA ILE A 288 -17.21 4.80 -3.40
C ILE A 288 -16.78 3.70 -4.38
N ILE A 289 -17.74 2.92 -4.89
CA ILE A 289 -17.49 1.86 -5.83
C ILE A 289 -16.76 2.43 -7.05
N TYR A 290 -17.32 3.49 -7.66
CA TYR A 290 -16.71 4.09 -8.83
C TYR A 290 -15.30 4.55 -8.53
N SER A 291 -15.09 5.30 -7.43
CA SER A 291 -13.74 5.81 -7.04
C SER A 291 -12.69 4.68 -7.00
N ILE A 292 -13.06 3.57 -6.33
CA ILE A 292 -12.17 2.43 -6.18
C ILE A 292 -11.93 1.80 -7.55
N SER A 293 -12.97 1.73 -8.38
CA SER A 293 -12.85 1.19 -9.71
C SER A 293 -11.78 1.95 -10.53
N LEU A 294 -11.47 3.20 -10.20
CA LEU A 294 -10.44 3.95 -10.97
C LEU A 294 -9.00 3.53 -10.64
N GLY A 295 -8.80 2.75 -9.57
CA GLY A 295 -7.47 2.28 -9.19
C GLY A 295 -6.57 3.40 -8.70
N GLY A 296 -5.28 3.08 -8.55
CA GLY A 296 -4.28 4.00 -8.01
C GLY A 296 -4.38 4.10 -6.49
N ASP A 297 -4.38 5.33 -5.97
CA ASP A 297 -4.46 5.59 -4.55
C ASP A 297 -5.94 5.57 -4.17
N THR A 298 -6.47 4.35 -4.13
CA THR A 298 -7.87 4.11 -4.00
C THR A 298 -8.34 4.52 -2.61
N ASP A 299 -7.52 4.30 -1.57
CA ASP A 299 -7.92 4.73 -0.18
C ASP A 299 -8.18 6.24 -0.16
N THR A 300 -7.26 7.01 -0.72
CA THR A 300 -7.27 8.41 -0.53
C THR A 300 -8.31 9.05 -1.49
N ILE A 301 -8.38 8.55 -2.71
CA ILE A 301 -9.39 9.03 -3.65
C ILE A 301 -10.80 8.72 -3.12
N ALA A 302 -11.01 7.50 -2.59
CA ALA A 302 -12.31 7.13 -2.09
C ALA A 302 -12.66 7.89 -0.81
N THR A 303 -11.67 8.12 0.07
CA THR A 303 -11.94 8.88 1.28
C THR A 303 -12.38 10.30 0.93
N MET A 304 -11.79 10.93 -0.08
CA MET A 304 -12.14 12.30 -0.44
C MET A 304 -13.51 12.34 -1.14
N ALA A 305 -13.73 11.49 -2.16
CA ALA A 305 -15.00 11.46 -2.85
C ALA A 305 -16.12 11.10 -1.86
N GLY A 306 -15.82 10.17 -0.94
CA GLY A 306 -16.75 9.74 0.09
C GLY A 306 -17.14 10.86 1.03
N ALA A 307 -16.18 11.73 1.38
CA ALA A 307 -16.43 12.85 2.26
C ALA A 307 -17.39 13.82 1.57
N ILE A 308 -17.18 14.06 0.27
CA ILE A 308 -17.98 15.00 -0.50
C ILE A 308 -19.40 14.42 -0.60
N ALA A 309 -19.48 13.13 -0.97
CA ALA A 309 -20.78 12.47 -1.11
C ALA A 309 -21.55 12.48 0.22
N GLY A 310 -20.82 12.26 1.32
CA GLY A 310 -21.43 12.19 2.65
C GLY A 310 -22.06 13.52 3.05
N ALA A 311 -21.32 14.59 2.75
CA ALA A 311 -21.75 15.92 3.02
C ALA A 311 -23.03 16.24 2.26
N TYR A 312 -23.06 15.82 0.99
CA TYR A 312 -24.14 16.08 0.04
C TYR A 312 -25.39 15.25 0.36
N TYR A 313 -25.25 13.92 0.42
CA TYR A 313 -26.42 13.02 0.56
C TYR A 313 -26.78 12.79 2.02
N GLY A 314 -25.78 12.91 2.90
CA GLY A 314 -25.96 12.70 4.32
C GLY A 314 -25.97 11.23 4.73
N MET A 315 -26.21 11.06 6.03
CA MET A 315 -26.13 9.82 6.74
C MET A 315 -27.17 8.82 6.22
N ASP A 316 -28.27 9.28 5.65
CA ASP A 316 -29.28 8.38 5.14
C ASP A 316 -28.69 7.46 4.07
N GLN A 317 -27.58 7.85 3.42
CA GLN A 317 -27.02 7.01 2.39
C GLN A 317 -25.83 6.20 2.90
N VAL A 318 -25.52 6.32 4.19
CA VAL A 318 -24.49 5.57 4.86
C VAL A 318 -25.17 4.33 5.43
N THR A 319 -25.15 3.23 4.69
CA THR A 319 -26.03 2.10 5.06
C THR A 319 -25.41 1.34 6.21
N PRO A 320 -26.25 0.85 7.16
CA PRO A 320 -25.78 0.02 8.27
C PRO A 320 -24.89 -1.15 7.84
N SER A 321 -25.20 -1.89 6.78
CA SER A 321 -24.33 -3.04 6.45
C SER A 321 -22.92 -2.56 6.07
N TRP A 322 -22.79 -1.38 5.46
CA TRP A 322 -21.48 -0.89 5.08
C TRP A 322 -20.69 -0.35 6.28
N LYS A 323 -21.32 0.51 7.08
CA LYS A 323 -20.61 1.28 8.07
C LYS A 323 -20.11 0.37 9.20
N ARG A 324 -20.87 -0.68 9.51
CA ARG A 324 -20.60 -1.56 10.65
C ARG A 324 -19.28 -2.32 10.44
N SER A 325 -18.80 -2.37 9.19
CA SER A 325 -17.58 -3.09 8.88
C SER A 325 -16.33 -2.22 9.13
N CYS A 326 -16.51 -0.95 9.51
CA CYS A 326 -15.40 -0.01 9.65
C CYS A 326 -14.91 0.09 11.09
N GLU A 327 -13.60 -0.14 11.30
CA GLU A 327 -12.90 0.31 12.52
C GLU A 327 -13.35 1.76 12.87
N ALA A 328 -13.74 1.94 14.14
CA ALA A 328 -13.93 3.27 14.71
C ALA A 328 -15.20 3.95 14.18
N ILE A 329 -16.21 3.17 13.73
CA ILE A 329 -17.45 3.77 13.19
C ILE A 329 -18.14 4.52 14.33
N VAL A 330 -18.19 3.91 15.50
CA VAL A 330 -18.88 4.50 16.66
C VAL A 330 -18.22 5.84 17.06
N GLU A 331 -16.90 5.83 17.17
CA GLU A 331 -16.14 7.02 17.57
C GLU A 331 -16.33 8.11 16.54
N THR A 332 -16.39 7.71 15.26
CA THR A 332 -16.54 8.65 14.17
C THR A 332 -17.91 9.35 14.24
N GLU A 333 -18.97 8.58 14.51
CA GLU A 333 -20.30 9.09 14.59
C GLU A 333 -20.38 10.04 15.78
N GLU A 334 -19.76 9.65 16.89
CA GLU A 334 -19.72 10.50 18.07
C GLU A 334 -19.02 11.82 17.74
N SER A 335 -17.93 11.75 16.98
CA SER A 335 -17.10 12.92 16.76
C SER A 335 -17.88 13.99 15.94
N ALA A 336 -18.79 13.50 15.08
CA ALA A 336 -19.58 14.32 14.19
C ALA A 336 -20.43 15.31 15.00
N VAL A 337 -20.89 14.87 16.18
CA VAL A 337 -21.70 15.71 17.02
C VAL A 337 -20.88 16.91 17.49
N LYS A 338 -19.64 16.66 17.93
CA LYS A 338 -18.76 17.73 18.46
C LYS A 338 -18.35 18.68 17.33
N LEU A 339 -18.16 18.12 16.13
CA LEU A 339 -17.83 18.98 14.98
C LEU A 339 -19.01 19.87 14.65
N TYR A 340 -20.20 19.27 14.71
CA TYR A 340 -21.42 19.94 14.37
C TYR A 340 -21.63 21.10 15.34
N GLU A 341 -21.27 20.92 16.61
CA GLU A 341 -21.40 22.00 17.60
C GLU A 341 -20.49 23.15 17.19
N LEU A 342 -19.29 22.84 16.72
CA LEU A 342 -18.31 23.86 16.29
C LEU A 342 -18.92 24.72 15.17
N TYR A 343 -19.49 24.01 14.19
CA TYR A 343 -20.12 24.59 13.07
C TYR A 343 -21.22 25.59 13.50
N CYS A 344 -22.11 25.10 14.36
CA CYS A 344 -23.23 25.85 14.86
C CYS A 344 -22.75 27.06 15.67
N LYS A 345 -21.73 26.90 16.47
CA LYS A 345 -21.13 27.98 17.24
C LYS A 345 -20.72 29.12 16.28
N GLN A 346 -20.06 28.76 15.18
CA GLN A 346 -19.56 29.71 14.19
C GLN A 346 -20.69 30.48 13.51
N LEU A 347 -21.93 29.95 13.43
CA LEU A 347 -23.00 30.73 12.81
C LEU A 347 -23.34 31.90 13.73
N MET B 3 28.44 -27.30 -0.21
CA MET B 3 27.49 -27.33 0.95
C MET B 3 27.22 -25.90 1.47
N VAL B 4 25.96 -25.68 1.76
CA VAL B 4 25.42 -24.42 2.20
C VAL B 4 25.99 -24.07 3.58
N SER B 5 26.32 -22.80 3.76
CA SER B 5 26.86 -22.36 5.04
C SER B 5 25.77 -21.66 5.86
N LEU B 6 26.00 -21.58 7.17
CA LEU B 6 25.18 -20.80 8.09
C LEU B 6 25.00 -19.37 7.55
N ALA B 7 26.11 -18.81 7.04
CA ALA B 7 26.15 -17.46 6.58
C ALA B 7 25.12 -17.23 5.47
N GLN B 8 24.93 -18.21 4.58
CA GLN B 8 23.96 -18.10 3.47
C GLN B 8 22.52 -18.20 3.97
N VAL B 9 22.26 -19.10 4.93
CA VAL B 9 20.92 -19.24 5.49
C VAL B 9 20.55 -17.96 6.25
N ARG B 10 21.48 -17.45 7.07
CA ARG B 10 21.25 -16.22 7.79
C ARG B 10 21.04 -15.08 6.81
N GLY B 11 21.87 -15.04 5.79
CA GLY B 11 21.85 -14.02 4.78
C GLY B 11 20.50 -13.98 4.10
N ALA B 12 19.97 -15.16 3.76
CA ALA B 12 18.68 -15.24 3.05
C ALA B 12 17.57 -14.63 3.89
N LEU B 13 17.46 -15.11 5.13
CA LEU B 13 16.37 -14.63 5.98
C LEU B 13 16.57 -13.16 6.34
N CYS B 14 17.81 -12.72 6.63
CA CYS B 14 17.97 -11.31 7.00
C CYS B 14 17.73 -10.43 5.76
N GLY B 15 18.04 -10.97 4.57
CA GLY B 15 17.77 -10.28 3.33
C GLY B 15 16.28 -10.13 3.08
N ALA B 16 15.50 -11.18 3.37
CA ALA B 16 14.06 -11.13 3.22
C ALA B 16 13.45 -10.13 4.21
N LEU B 17 13.96 -10.13 5.43
CA LEU B 17 13.47 -9.23 6.46
C LEU B 17 13.72 -7.77 6.08
N LEU B 18 14.93 -7.45 5.59
CA LEU B 18 15.29 -6.11 5.22
C LEU B 18 14.42 -5.65 4.04
N GLY B 19 14.26 -6.51 3.04
CA GLY B 19 13.47 -6.16 1.89
C GLY B 19 12.04 -5.77 2.26
N ASP B 20 11.45 -6.57 3.14
CA ASP B 20 10.11 -6.34 3.62
C ASP B 20 10.07 -5.01 4.40
N CYS B 21 10.88 -4.91 5.46
CA CYS B 21 10.90 -3.74 6.35
C CYS B 21 11.20 -2.44 5.59
N MET B 22 12.19 -2.44 4.69
CA MET B 22 12.56 -1.25 3.94
C MET B 22 11.59 -1.00 2.78
N GLY B 23 11.11 -2.06 2.13
CA GLY B 23 10.17 -1.95 1.01
C GLY B 23 8.83 -1.40 1.45
N ALA B 24 8.42 -1.74 2.68
CA ALA B 24 7.12 -1.42 3.22
C ALA B 24 6.88 0.08 3.13
N GLU B 25 7.94 0.85 3.37
CA GLU B 25 7.86 2.30 3.44
C GLU B 25 7.35 2.92 2.15
N PHE B 26 7.55 2.25 1.00
CA PHE B 26 7.28 2.79 -0.32
C PHE B 26 6.16 2.03 -1.06
N GLU B 27 5.45 1.13 -0.35
CA GLU B 27 4.55 0.14 -0.99
C GLU B 27 3.40 0.87 -1.70
N GLY B 28 3.12 0.45 -2.95
CA GLY B 28 2.00 0.95 -3.72
C GLY B 28 2.24 2.31 -4.34
N SER B 29 3.39 2.92 -4.07
CA SER B 29 3.67 4.27 -4.50
C SER B 29 3.94 4.27 -6.01
N ASP B 30 3.22 5.17 -6.69
CA ASP B 30 3.46 5.49 -8.08
C ASP B 30 4.64 6.48 -8.20
N ALA B 31 5.01 7.19 -7.13
CA ALA B 31 5.91 8.36 -7.23
C ALA B 31 7.36 8.05 -6.81
N VAL B 32 7.67 6.78 -6.47
CA VAL B 32 8.99 6.39 -5.92
C VAL B 32 10.05 6.38 -7.02
N GLU B 33 11.17 7.05 -6.72
CA GLU B 33 12.38 7.02 -7.46
C GLU B 33 13.58 6.80 -6.52
N LEU B 34 14.69 6.45 -7.16
CA LEU B 34 15.92 6.10 -6.52
C LEU B 34 16.38 7.18 -5.54
N PRO B 35 16.26 8.49 -5.83
CA PRO B 35 16.68 9.48 -4.84
C PRO B 35 15.95 9.35 -3.49
N ASP B 36 14.67 8.97 -3.52
CA ASP B 36 13.87 8.72 -2.33
C ASP B 36 14.52 7.59 -1.51
N VAL B 37 14.91 6.52 -2.20
CA VAL B 37 15.43 5.31 -1.57
C VAL B 37 16.79 5.63 -0.96
N LEU B 38 17.62 6.36 -1.69
CA LEU B 38 18.97 6.69 -1.18
C LEU B 38 18.86 7.60 0.04
N GLU B 39 17.95 8.59 0.00
CA GLU B 39 17.76 9.45 1.17
CA GLU B 39 17.73 9.46 1.15
C GLU B 39 17.27 8.60 2.34
N PHE B 40 16.31 7.71 2.06
CA PHE B 40 15.74 6.87 3.08
C PHE B 40 16.83 6.06 3.78
N VAL B 41 17.69 5.41 2.99
CA VAL B 41 18.77 4.57 3.53
C VAL B 41 19.76 5.44 4.37
N ARG B 42 20.10 6.64 3.91
CA ARG B 42 21.05 7.48 4.65
C ARG B 42 20.46 7.81 6.03
N LEU B 43 19.16 8.15 6.07
CA LEU B 43 18.47 8.50 7.33
C LEU B 43 18.40 7.27 8.22
N LEU B 44 18.21 6.13 7.59
CA LEU B 44 18.09 4.90 8.30
C LEU B 44 19.39 4.57 9.06
N GLU B 45 20.53 4.72 8.39
CA GLU B 45 21.82 4.39 8.98
C GLU B 45 22.12 5.28 10.20
N LYS B 46 21.57 6.51 10.22
CA LYS B 46 21.84 7.49 11.30
C LYS B 46 20.88 7.35 12.50
N GLU B 47 19.82 6.56 12.34
CA GLU B 47 18.81 6.42 13.36
C GLU B 47 19.48 5.85 14.62
N LYS B 48 19.26 6.46 15.78
CA LYS B 48 19.97 6.04 17.00
C LYS B 48 19.27 4.81 17.62
N LYS B 49 17.93 4.78 17.59
CA LYS B 49 17.15 3.68 18.14
C LYS B 49 17.13 2.53 17.13
N ALA B 50 17.24 1.30 17.64
CA ALA B 50 17.13 0.09 16.80
C ALA B 50 15.64 -0.29 16.64
N GLY B 51 15.33 -1.08 15.62
CA GLY B 51 13.99 -1.63 15.42
C GLY B 51 12.95 -0.59 15.05
N THR B 52 13.32 0.46 14.32
CA THR B 52 12.36 1.46 13.90
C THR B 52 11.53 1.01 12.69
N LEU B 53 11.96 -0.01 11.95
CA LEU B 53 11.16 -0.49 10.82
C LEU B 53 10.41 -1.77 11.21
N PHE B 54 9.09 -1.73 11.09
CA PHE B 54 8.23 -2.87 11.37
C PHE B 54 8.08 -3.72 10.11
N TYR B 55 7.93 -5.02 10.32
CA TYR B 55 7.76 -5.91 9.21
C TYR B 55 6.25 -6.04 8.90
N THR B 56 5.93 -6.66 7.77
CA THR B 56 4.58 -6.76 7.27
C THR B 56 4.17 -8.23 7.19
N ASP B 57 3.09 -8.50 6.45
CA ASP B 57 2.55 -9.85 6.29
C ASP B 57 3.60 -10.79 5.66
N ASP B 58 4.47 -10.24 4.78
CA ASP B 58 5.51 -11.04 4.12
C ASP B 58 6.35 -11.81 5.18
N THR B 59 6.78 -11.06 6.22
CA THR B 59 7.62 -11.62 7.28
C THR B 59 6.77 -12.44 8.24
N ALA B 60 5.58 -11.93 8.59
CA ALA B 60 4.66 -12.67 9.45
C ALA B 60 4.47 -14.10 8.94
N MET B 61 4.18 -14.22 7.66
CA MET B 61 3.91 -15.51 6.99
C MET B 61 5.20 -16.32 6.88
N THR B 62 6.32 -15.64 6.64
CA THR B 62 7.63 -16.26 6.58
C THR B 62 7.92 -16.92 7.91
N ARG B 63 7.65 -16.22 9.02
CA ARG B 63 7.96 -16.77 10.35
C ARG B 63 7.07 -18.00 10.62
N ALA B 64 5.83 -17.93 10.13
CA ALA B 64 4.89 -19.05 10.26
C ALA B 64 5.38 -20.27 9.45
N VAL B 65 5.86 -20.04 8.24
CA VAL B 65 6.44 -21.15 7.43
C VAL B 65 7.55 -21.84 8.24
N ILE B 66 8.47 -21.02 8.75
CA ILE B 66 9.65 -21.51 9.42
C ILE B 66 9.25 -22.31 10.67
N GLN B 67 8.31 -21.80 11.48
CA GLN B 67 8.02 -22.54 12.69
CA GLN B 67 7.91 -22.50 12.71
C GLN B 67 7.36 -23.87 12.31
N SER B 68 6.64 -23.92 11.18
CA SER B 68 6.06 -25.18 10.71
C SER B 68 7.16 -26.17 10.28
N LEU B 69 8.17 -25.68 9.56
CA LEU B 69 9.26 -26.56 9.09
C LEU B 69 10.02 -27.12 10.28
N ILE B 70 10.16 -26.30 11.32
CA ILE B 70 10.89 -26.71 12.52
C ILE B 70 10.04 -27.73 13.30
N ALA B 71 8.76 -27.44 13.46
CA ALA B 71 7.87 -28.34 14.18
C ALA B 71 7.74 -29.68 13.46
N LYS B 72 7.64 -29.63 12.13
CA LYS B 72 7.32 -30.75 11.26
C LYS B 72 8.28 -30.77 10.07
N PRO B 73 9.51 -31.28 10.27
CA PRO B 73 10.54 -31.17 9.24
C PRO B 73 10.18 -31.96 7.97
N ASP B 74 9.23 -32.89 8.04
CA ASP B 74 8.86 -33.70 6.87
C ASP B 74 7.90 -32.95 5.93
N PHE B 75 7.41 -31.80 6.43
CA PHE B 75 6.52 -30.90 5.78
C PHE B 75 5.09 -31.37 6.04
N ASP B 76 4.35 -30.55 6.81
CA ASP B 76 2.98 -30.81 7.19
C ASP B 76 2.12 -29.59 6.83
N GLU B 77 1.43 -29.69 5.70
CA GLU B 77 0.63 -28.62 5.15
C GLU B 77 -0.50 -28.27 6.10
N VAL B 78 -0.96 -29.24 6.91
CA VAL B 78 -2.05 -28.97 7.85
C VAL B 78 -1.51 -28.07 8.98
N ASP B 79 -0.41 -28.46 9.60
CA ASP B 79 0.23 -27.65 10.62
C ASP B 79 0.53 -26.25 10.06
N MET B 80 1.02 -26.16 8.83
CA MET B 80 1.42 -24.86 8.26
C MET B 80 0.19 -23.95 8.08
N ALA B 81 -0.92 -24.54 7.60
CA ALA B 81 -2.17 -23.84 7.36
C ALA B 81 -2.69 -23.26 8.69
N LYS B 82 -2.64 -24.09 9.74
CA LYS B 82 -3.05 -23.70 11.06
C LYS B 82 -2.24 -22.48 11.50
N ARG B 83 -0.92 -22.56 11.36
CA ARG B 83 -0.05 -21.46 11.80
C ARG B 83 -0.32 -20.17 11.02
N PHE B 84 -0.51 -20.27 9.69
CA PHE B 84 -0.87 -19.11 8.87
C PHE B 84 -2.13 -18.45 9.45
N ALA B 85 -3.17 -19.27 9.70
CA ALA B 85 -4.48 -18.79 10.15
C ALA B 85 -4.36 -18.18 11.56
N GLU B 86 -3.62 -18.83 12.46
CA GLU B 86 -3.52 -18.34 13.84
C GLU B 86 -2.69 -17.05 13.85
N GLU B 87 -1.64 -16.97 13.02
CA GLU B 87 -0.82 -15.75 12.93
C GLU B 87 -1.68 -14.59 12.42
N TYR B 88 -2.48 -14.85 11.37
CA TYR B 88 -3.40 -13.85 10.85
C TYR B 88 -4.30 -13.34 11.98
N LYS B 89 -4.86 -14.27 12.73
CA LYS B 89 -5.78 -13.95 13.76
C LYS B 89 -5.10 -13.12 14.85
N LYS B 90 -3.88 -13.50 15.22
CA LYS B 90 -3.15 -12.84 16.27
C LYS B 90 -2.82 -11.40 15.84
N GLU B 91 -2.48 -11.19 14.56
CA GLU B 91 -1.96 -9.90 14.08
C GLU B 91 -2.56 -9.60 12.72
N PRO B 92 -3.87 -9.27 12.65
CA PRO B 92 -4.56 -9.13 11.37
C PRO B 92 -4.19 -7.85 10.59
N THR B 93 -3.43 -6.95 11.19
CA THR B 93 -3.20 -5.67 10.59
C THR B 93 -1.83 -5.56 9.91
N ARG B 94 -1.11 -6.67 9.70
CA ARG B 94 0.25 -6.62 9.24
C ARG B 94 0.34 -6.20 7.77
N GLY B 95 -0.77 -6.23 7.02
CA GLY B 95 -0.81 -5.71 5.63
C GLY B 95 -1.14 -6.76 4.57
N TYR B 96 -2.00 -7.72 4.94
CA TYR B 96 -2.40 -8.86 4.10
C TYR B 96 -3.21 -8.39 2.90
N GLY B 97 -3.06 -9.12 1.78
CA GLY B 97 -3.96 -8.98 0.64
C GLY B 97 -5.43 -9.09 1.07
N ALA B 98 -6.29 -8.36 0.37
CA ALA B 98 -7.69 -8.29 0.62
C ALA B 98 -8.35 -9.67 0.42
N GLY B 99 -7.95 -10.41 -0.60
CA GLY B 99 -8.57 -11.72 -0.86
C GLY B 99 -8.18 -12.75 0.19
N VAL B 100 -6.88 -12.81 0.51
CA VAL B 100 -6.31 -13.96 1.23
C VAL B 100 -6.91 -14.03 2.64
N VAL B 101 -7.41 -12.90 3.15
CA VAL B 101 -8.03 -12.82 4.44
C VAL B 101 -9.21 -13.82 4.52
N GLN B 102 -9.91 -14.01 3.39
CA GLN B 102 -11.03 -14.95 3.31
C GLN B 102 -10.54 -16.39 3.55
N VAL B 103 -9.35 -16.67 3.05
CA VAL B 103 -8.79 -17.99 3.19
C VAL B 103 -8.55 -18.22 4.68
N PHE B 104 -7.97 -17.23 5.35
CA PHE B 104 -7.63 -17.41 6.74
C PHE B 104 -8.90 -17.69 7.55
N LYS B 105 -9.97 -16.96 7.24
CA LYS B 105 -11.20 -17.06 8.01
C LYS B 105 -11.85 -18.42 7.80
N LYS B 106 -11.80 -18.94 6.58
CA LYS B 106 -12.27 -20.28 6.31
C LYS B 106 -11.43 -21.31 7.07
N LEU B 107 -10.11 -21.16 7.12
CA LEU B 107 -9.31 -22.14 7.85
C LEU B 107 -9.64 -22.03 9.35
N LEU B 108 -9.97 -20.83 9.83
CA LEU B 108 -10.20 -20.64 11.28
C LEU B 108 -11.54 -21.27 11.67
N SER B 109 -12.49 -21.26 10.74
CA SER B 109 -13.78 -21.88 10.92
C SER B 109 -13.65 -23.40 10.99
N PRO B 110 -14.67 -24.11 11.53
CA PRO B 110 -14.67 -25.57 11.57
C PRO B 110 -15.30 -26.25 10.34
N LYS B 111 -15.53 -25.49 9.26
CA LYS B 111 -16.33 -25.94 8.12
C LYS B 111 -15.47 -26.67 7.07
N TYR B 112 -14.14 -26.54 7.12
CA TYR B 112 -13.27 -27.07 6.07
C TYR B 112 -12.29 -28.08 6.66
N SER B 113 -12.33 -29.31 6.17
CA SER B 113 -11.38 -30.32 6.62
C SER B 113 -10.26 -30.45 5.59
N ASP B 114 -10.48 -29.97 4.36
CA ASP B 114 -9.44 -29.94 3.34
C ASP B 114 -8.81 -28.55 3.34
N VAL B 115 -7.57 -28.45 3.86
CA VAL B 115 -6.90 -27.15 4.07
C VAL B 115 -6.63 -26.44 2.72
N PHE B 116 -6.74 -27.12 1.58
CA PHE B 116 -6.46 -26.50 0.28
C PHE B 116 -7.75 -25.90 -0.32
N GLN B 117 -8.90 -26.24 0.27
CA GLN B 117 -10.18 -25.98 -0.36
C GLN B 117 -10.49 -24.49 -0.32
N PRO B 118 -10.31 -23.78 0.82
CA PRO B 118 -10.51 -22.32 0.85
C PRO B 118 -9.82 -21.59 -0.31
N ALA B 119 -8.57 -21.98 -0.58
CA ALA B 119 -7.78 -21.34 -1.63
C ALA B 119 -8.35 -21.68 -3.02
N ARG B 120 -8.88 -22.90 -3.18
CA ARG B 120 -9.53 -23.31 -4.45
C ARG B 120 -10.74 -22.42 -4.74
N GLU B 121 -11.42 -21.93 -3.69
CA GLU B 121 -12.68 -21.17 -3.80
C GLU B 121 -12.43 -19.69 -4.15
N GLN B 122 -11.21 -19.19 -3.99
CA GLN B 122 -10.85 -17.78 -4.25
C GLN B 122 -11.12 -17.41 -5.71
N PHE B 123 -11.64 -16.19 -5.92
CA PHE B 123 -11.88 -15.57 -7.25
C PHE B 123 -12.64 -16.53 -8.17
N ASP B 124 -13.84 -16.88 -7.71
CA ASP B 124 -14.80 -17.65 -8.47
C ASP B 124 -14.17 -19.00 -8.89
N GLY B 125 -13.40 -19.61 -7.98
CA GLY B 125 -12.84 -20.95 -8.17
C GLY B 125 -11.54 -20.97 -8.96
N LYS B 126 -11.02 -19.80 -9.33
CA LYS B 126 -9.86 -19.72 -10.20
C LYS B 126 -8.58 -19.55 -9.37
N GLY B 127 -8.73 -19.17 -8.10
CA GLY B 127 -7.63 -19.04 -7.17
C GLY B 127 -6.86 -17.76 -7.40
N SER B 128 -6.11 -17.31 -6.38
CA SER B 128 -5.34 -16.04 -6.43
C SER B 128 -4.10 -16.19 -7.31
N TYR B 129 -3.84 -15.14 -8.09
CA TYR B 129 -2.63 -15.00 -8.92
C TYR B 129 -1.62 -14.06 -8.24
N GLY B 130 -1.86 -13.72 -6.96
CA GLY B 130 -0.96 -12.85 -6.17
C GLY B 130 0.39 -13.47 -5.80
N ASN B 131 1.30 -12.63 -5.29
CA ASN B 131 2.67 -13.01 -5.00
C ASN B 131 2.83 -13.47 -3.54
N GLY B 132 1.72 -13.60 -2.82
CA GLY B 132 1.74 -13.92 -1.42
C GLY B 132 2.27 -15.34 -1.14
N GLY B 133 2.13 -16.24 -2.13
CA GLY B 133 2.73 -17.53 -2.06
C GLY B 133 4.24 -17.47 -2.11
N ALA B 134 4.75 -16.60 -2.99
CA ALA B 134 6.19 -16.47 -3.27
C ALA B 134 6.87 -15.63 -2.18
N MET B 135 6.14 -14.72 -1.57
CA MET B 135 6.77 -13.75 -0.66
C MET B 135 7.36 -14.47 0.56
N ARG B 136 6.77 -15.62 0.91
CA ARG B 136 7.05 -16.36 2.16
C ARG B 136 7.80 -17.67 1.86
N VAL B 137 8.11 -17.96 0.58
CA VAL B 137 8.53 -19.33 0.20
C VAL B 137 10.03 -19.61 0.39
N ALA B 138 10.89 -18.60 0.48
CA ALA B 138 12.35 -18.79 0.42
C ALA B 138 12.83 -19.92 1.36
N SER B 139 12.25 -19.97 2.57
CA SER B 139 12.68 -20.91 3.63
C SER B 139 12.61 -22.38 3.15
N ILE B 140 11.71 -22.68 2.22
CA ILE B 140 11.62 -24.06 1.67
C ILE B 140 12.97 -24.45 1.07
N ALA B 141 13.57 -23.52 0.31
CA ALA B 141 14.85 -23.74 -0.35
C ALA B 141 15.99 -23.80 0.67
N LEU B 142 15.81 -23.17 1.83
CA LEU B 142 16.82 -23.14 2.89
C LEU B 142 16.74 -24.41 3.77
N ALA B 143 15.63 -25.14 3.72
CA ALA B 143 15.41 -26.27 4.55
C ALA B 143 15.60 -27.56 3.75
N TYR B 144 15.44 -27.52 2.42
CA TYR B 144 15.39 -28.75 1.65
C TYR B 144 16.41 -28.71 0.53
N PRO B 145 17.50 -29.49 0.70
CA PRO B 145 18.58 -29.56 -0.30
C PRO B 145 18.13 -30.03 -1.69
N ASN B 146 17.30 -31.07 -1.74
CA ASN B 146 16.93 -31.72 -2.98
C ASN B 146 15.89 -30.86 -3.69
N ILE B 147 16.15 -30.58 -4.97
CA ILE B 147 15.36 -29.70 -5.81
C ILE B 147 13.93 -30.25 -5.97
N GLN B 148 13.76 -31.57 -6.01
CA GLN B 148 12.39 -32.11 -6.18
C GLN B 148 11.52 -31.77 -4.97
N ASP B 149 12.10 -31.80 -3.76
CA ASP B 149 11.41 -31.39 -2.54
C ASP B 149 11.08 -29.91 -2.57
N VAL B 150 12.05 -29.07 -2.98
CA VAL B 150 11.87 -27.66 -3.11
C VAL B 150 10.64 -27.36 -3.97
N ILE B 151 10.58 -27.98 -5.14
CA ILE B 151 9.48 -27.80 -6.05
C ILE B 151 8.14 -28.21 -5.40
N LYS B 152 8.04 -29.46 -4.90
CA LYS B 152 6.71 -29.95 -4.47
C LYS B 152 6.27 -29.21 -3.21
N PHE B 153 7.20 -28.82 -2.32
CA PHE B 153 6.83 -28.16 -1.07
C PHE B 153 6.61 -26.67 -1.26
N ALA B 154 7.35 -26.06 -2.20
CA ALA B 154 7.04 -24.71 -2.61
C ALA B 154 5.61 -24.67 -3.14
N ARG B 155 5.28 -25.62 -4.02
CA ARG B 155 3.95 -25.66 -4.62
C ARG B 155 2.89 -25.80 -3.54
N ARG B 156 3.05 -26.78 -2.64
CA ARG B 156 2.02 -27.09 -1.64
C ARG B 156 1.90 -25.95 -0.60
N SER B 157 3.04 -25.42 -0.13
CA SER B 157 3.00 -24.29 0.80
C SER B 157 2.18 -23.14 0.17
N ALA B 158 2.36 -22.92 -1.13
CA ALA B 158 1.75 -21.80 -1.86
C ALA B 158 0.25 -22.08 -2.03
N GLN B 159 -0.10 -23.33 -2.34
CA GLN B 159 -1.50 -23.69 -2.63
C GLN B 159 -2.40 -23.57 -1.39
N LEU B 160 -1.83 -23.38 -0.18
CA LEU B 160 -2.67 -23.09 1.00
C LEU B 160 -3.43 -21.77 0.84
N THR B 161 -2.90 -20.82 0.03
CA THR B 161 -3.53 -19.53 -0.19
C THR B 161 -3.70 -19.23 -1.69
N HIS B 162 -2.88 -19.87 -2.55
CA HIS B 162 -2.81 -19.50 -3.97
C HIS B 162 -3.01 -20.71 -4.89
N ALA B 163 -4.23 -20.85 -5.42
CA ALA B 163 -4.66 -22.07 -6.16
C ALA B 163 -4.50 -21.87 -7.67
N SER B 164 -4.29 -20.64 -8.12
CA SER B 164 -4.04 -20.41 -9.54
C SER B 164 -2.63 -20.86 -9.88
N PRO B 165 -2.41 -21.56 -11.02
CA PRO B 165 -1.05 -21.88 -11.45
C PRO B 165 -0.10 -20.67 -11.45
N LEU B 166 -0.59 -19.48 -11.80
CA LEU B 166 0.23 -18.27 -11.79
C LEU B 166 0.72 -18.00 -10.36
N GLY B 167 -0.17 -18.15 -9.37
CA GLY B 167 0.21 -18.01 -7.98
C GLY B 167 1.28 -19.01 -7.56
N TYR B 168 1.01 -20.30 -7.75
CA TYR B 168 1.88 -21.32 -7.13
C TYR B 168 3.12 -21.58 -7.99
N ASN B 169 3.06 -21.41 -9.32
CA ASN B 169 4.30 -21.49 -10.15
C ASN B 169 5.25 -20.31 -9.85
N GLY B 170 4.70 -19.15 -9.46
CA GLY B 170 5.50 -18.02 -9.01
C GLY B 170 6.22 -18.32 -7.72
N ALA B 171 5.55 -19.05 -6.82
CA ALA B 171 6.18 -19.49 -5.60
C ALA B 171 7.31 -20.49 -5.92
N ILE B 172 7.07 -21.39 -6.86
CA ILE B 172 8.06 -22.39 -7.25
C ILE B 172 9.30 -21.68 -7.83
N LEU B 173 9.06 -20.68 -8.67
CA LEU B 173 10.12 -19.96 -9.31
C LEU B 173 11.00 -19.27 -8.27
N GLN B 174 10.35 -18.56 -7.34
CA GLN B 174 11.04 -17.80 -6.30
C GLN B 174 11.84 -18.78 -5.44
N ALA B 175 11.24 -19.95 -5.11
CA ALA B 175 11.94 -21.00 -4.34
C ALA B 175 13.16 -21.54 -5.12
N LEU B 176 13.01 -21.71 -6.43
CA LEU B 176 14.13 -22.22 -7.27
C LEU B 176 15.24 -21.18 -7.32
N ALA B 177 14.86 -19.89 -7.39
CA ALA B 177 15.84 -18.82 -7.50
C ALA B 177 16.71 -18.82 -6.25
N VAL B 178 16.06 -18.97 -5.08
CA VAL B 178 16.80 -19.07 -3.84
C VAL B 178 17.64 -20.36 -3.84
N HIS B 179 17.07 -21.47 -4.28
CA HIS B 179 17.79 -22.77 -4.36
C HIS B 179 19.10 -22.64 -5.16
N PHE B 180 19.00 -22.10 -6.37
CA PHE B 180 20.18 -21.99 -7.25
C PHE B 180 21.17 -20.93 -6.75
N ALA B 181 20.69 -19.87 -6.08
CA ALA B 181 21.57 -18.87 -5.43
C ALA B 181 22.39 -19.52 -4.31
N LEU B 182 21.86 -20.56 -3.69
CA LEU B 182 22.59 -21.22 -2.61
C LEU B 182 23.76 -22.05 -3.14
N GLN B 183 23.59 -22.62 -4.35
CA GLN B 183 24.49 -23.65 -4.88
CA GLN B 183 24.51 -23.66 -4.85
C GLN B 183 25.76 -22.98 -5.43
N GLY B 184 26.69 -22.64 -4.55
CA GLY B 184 27.92 -21.96 -4.93
C GLY B 184 27.65 -20.56 -5.44
N GLU B 185 28.72 -19.80 -5.66
CA GLU B 185 28.57 -18.54 -6.39
C GLU B 185 28.65 -18.85 -7.89
N LEU B 186 27.55 -19.45 -8.38
CA LEU B 186 27.17 -19.59 -9.75
C LEU B 186 27.27 -18.25 -10.46
N LYS B 187 27.82 -18.31 -11.67
CA LYS B 187 27.85 -17.15 -12.57
CA LYS B 187 27.85 -17.17 -12.58
C LYS B 187 26.43 -16.90 -13.08
N ARG B 188 26.19 -15.68 -13.55
CA ARG B 188 24.87 -15.20 -14.04
C ARG B 188 24.24 -16.16 -15.05
N ASP B 189 25.03 -16.53 -16.04
CA ASP B 189 24.54 -17.28 -17.18
C ASP B 189 24.03 -18.67 -16.75
N THR B 190 24.78 -19.29 -15.82
CA THR B 190 24.48 -20.63 -15.31
C THR B 190 23.22 -20.57 -14.44
N PHE B 191 23.18 -19.59 -13.53
CA PHE B 191 22.00 -19.34 -12.67
C PHE B 191 20.71 -19.33 -13.51
N LEU B 192 20.69 -18.53 -14.58
CA LEU B 192 19.50 -18.35 -15.38
C LEU B 192 19.17 -19.60 -16.20
N GLU B 193 20.23 -20.28 -16.70
CA GLU B 193 20.10 -21.55 -17.42
C GLU B 193 19.39 -22.57 -16.51
N GLN B 194 19.89 -22.65 -15.27
CA GLN B 194 19.32 -23.55 -14.29
C GLN B 194 17.81 -23.23 -14.17
N LEU B 195 17.44 -21.94 -13.97
CA LEU B 195 16.02 -21.52 -13.74
C LEU B 195 15.13 -21.84 -14.94
N ILE B 196 15.62 -21.47 -16.12
CA ILE B 196 14.85 -21.63 -17.36
C ILE B 196 14.61 -23.12 -17.60
N GLY B 197 15.67 -23.91 -17.37
CA GLY B 197 15.61 -25.38 -17.48
C GLY B 197 14.44 -25.96 -16.70
N GLU B 198 14.32 -25.57 -15.43
CA GLU B 198 13.31 -26.08 -14.53
C GLU B 198 11.93 -25.56 -14.89
N MET B 199 11.81 -24.26 -15.22
CA MET B 199 10.49 -23.69 -15.40
C MET B 199 9.85 -24.20 -16.71
N GLU B 200 10.67 -24.52 -17.73
CA GLU B 200 10.10 -25.03 -18.99
C GLU B 200 9.42 -26.37 -18.73
N ARG B 201 10.06 -27.20 -17.93
CA ARG B 201 9.51 -28.50 -17.50
C ARG B 201 8.24 -28.29 -16.68
N ILE B 202 8.26 -27.35 -15.71
CA ILE B 202 7.14 -27.13 -14.78
C ILE B 202 5.93 -26.53 -15.51
N GLU B 203 6.15 -25.49 -16.32
CA GLU B 203 5.06 -24.85 -17.06
C GLU B 203 4.68 -25.69 -18.29
N GLY B 204 5.66 -26.36 -18.89
CA GLY B 204 5.41 -27.40 -19.87
C GLY B 204 4.61 -28.53 -19.26
N LEU B 223 3.71 -20.20 -21.76
CA LEU B 223 4.69 -20.34 -20.66
C LEU B 223 5.07 -18.97 -20.10
N PRO B 224 4.17 -18.34 -19.30
CA PRO B 224 4.37 -16.98 -18.82
C PRO B 224 5.74 -16.72 -18.18
N PHE B 225 6.10 -17.54 -17.20
CA PHE B 225 7.28 -17.30 -16.40
C PHE B 225 8.55 -17.51 -17.25
N CYS B 226 8.55 -18.51 -18.12
CA CYS B 226 9.69 -18.75 -19.00
C CYS B 226 9.89 -17.53 -19.92
N SER B 227 8.78 -16.95 -20.37
CA SER B 227 8.80 -15.78 -21.23
CA SER B 227 8.76 -15.77 -21.20
C SER B 227 9.57 -14.66 -20.53
N ARG B 228 9.17 -14.34 -19.29
CA ARG B 228 9.78 -13.26 -18.55
C ARG B 228 11.25 -13.60 -18.27
N LEU B 229 11.55 -14.86 -17.94
CA LEU B 229 12.94 -15.27 -17.72
C LEU B 229 13.78 -15.00 -18.98
N LYS B 230 13.20 -15.25 -20.17
CA LYS B 230 13.89 -15.01 -21.46
C LYS B 230 14.16 -13.50 -21.63
N LYS B 231 13.18 -12.66 -21.28
CA LYS B 231 13.33 -11.22 -21.37
C LYS B 231 14.44 -10.74 -20.43
N ILE B 232 14.53 -11.37 -19.25
CA ILE B 232 15.56 -11.05 -18.29
C ILE B 232 16.94 -11.30 -18.93
N LYS B 233 17.08 -12.42 -19.63
CA LYS B 233 18.33 -12.75 -20.33
C LYS B 233 18.69 -11.61 -21.28
N GLU B 234 17.68 -11.20 -22.06
CA GLU B 234 17.76 -10.12 -23.04
C GLU B 234 18.26 -8.85 -22.36
N PHE B 235 17.54 -8.40 -21.33
CA PHE B 235 17.88 -7.18 -20.60
C PHE B 235 19.33 -7.24 -20.08
N LEU B 236 19.72 -8.34 -19.45
CA LEU B 236 21.08 -8.48 -18.89
C LEU B 236 22.13 -8.37 -20.01
N ALA B 237 21.77 -8.78 -21.23
CA ALA B 237 22.65 -8.68 -22.41
C ALA B 237 22.76 -7.22 -22.92
N SER B 238 21.86 -6.35 -22.48
CA SER B 238 21.91 -4.91 -22.77
C SER B 238 22.61 -4.17 -21.63
N SER B 239 22.77 -2.85 -21.79
CA SER B 239 23.23 -1.97 -20.71
C SER B 239 22.36 -0.71 -20.66
N ASN B 240 22.28 -0.14 -19.44
CA ASN B 240 21.48 1.07 -19.14
C ASN B 240 20.04 0.87 -19.60
N VAL B 241 19.43 -0.22 -19.13
CA VAL B 241 18.05 -0.49 -19.42
C VAL B 241 17.19 0.47 -18.61
N PRO B 242 16.42 1.38 -19.25
CA PRO B 242 15.50 2.25 -18.51
C PRO B 242 14.63 1.43 -17.52
N LYS B 243 14.38 2.02 -16.35
CA LYS B 243 13.43 1.54 -15.36
C LYS B 243 12.06 1.32 -16.02
N ALA B 244 11.65 2.26 -16.89
CA ALA B 244 10.38 2.20 -17.57
C ALA B 244 10.23 0.86 -18.31
N ASP B 245 11.31 0.42 -18.95
CA ASP B 245 11.33 -0.79 -19.76
C ASP B 245 11.18 -2.02 -18.87
N ILE B 246 11.89 -2.02 -17.74
CA ILE B 246 11.84 -3.09 -16.77
C ILE B 246 10.41 -3.20 -16.24
N VAL B 247 9.81 -2.07 -15.84
CA VAL B 247 8.47 -2.09 -15.29
C VAL B 247 7.51 -2.54 -16.39
N ASP B 248 7.71 -2.04 -17.61
CA ASP B 248 6.79 -2.33 -18.72
C ASP B 248 6.76 -3.82 -19.03
N GLU B 249 7.94 -4.44 -19.07
CA GLU B 249 8.07 -5.82 -19.59
C GLU B 249 7.96 -6.86 -18.46
N LEU B 250 8.46 -6.54 -17.26
CA LEU B 250 8.51 -7.52 -16.17
C LEU B 250 7.42 -7.20 -15.13
N GLY B 251 7.03 -5.94 -14.98
CA GLY B 251 6.00 -5.55 -14.03
C GLY B 251 6.61 -5.15 -12.68
N HIS B 252 5.77 -4.55 -11.82
CA HIS B 252 6.10 -4.35 -10.41
C HIS B 252 4.83 -4.48 -9.56
N GLY B 253 4.01 -5.49 -9.87
CA GLY B 253 2.63 -5.59 -9.35
C GLY B 253 2.50 -6.60 -8.22
N ILE B 254 1.29 -6.69 -7.67
CA ILE B 254 0.98 -7.65 -6.63
C ILE B 254 0.79 -9.05 -7.26
N ALA B 255 0.72 -9.14 -8.59
CA ALA B 255 0.61 -10.43 -9.24
C ALA B 255 1.99 -11.12 -9.26
N ALA B 256 2.00 -12.43 -9.02
CA ALA B 256 3.25 -13.18 -9.02
C ALA B 256 3.99 -12.98 -10.35
N LEU B 257 3.28 -13.06 -11.48
CA LEU B 257 3.93 -12.94 -12.82
C LEU B 257 4.68 -11.60 -12.96
N GLU B 258 4.19 -10.56 -12.27
CA GLU B 258 4.69 -9.20 -12.42
C GLU B 258 5.62 -8.80 -11.28
N SER B 259 5.98 -9.74 -10.40
CA SER B 259 6.82 -9.44 -9.26
C SER B 259 7.96 -10.44 -9.11
N VAL B 260 7.69 -11.73 -9.29
CA VAL B 260 8.75 -12.71 -9.04
C VAL B 260 9.88 -12.56 -10.07
N PRO B 261 9.62 -12.52 -11.39
CA PRO B 261 10.69 -12.26 -12.35
C PRO B 261 11.42 -10.93 -12.09
N THR B 262 10.67 -9.92 -11.65
CA THR B 262 11.24 -8.61 -11.39
C THR B 262 12.27 -8.68 -10.26
N ALA B 263 11.96 -9.48 -9.23
CA ALA B 263 12.87 -9.72 -8.10
C ALA B 263 14.15 -10.42 -8.58
N ILE B 264 13.96 -11.41 -9.46
CA ILE B 264 15.07 -12.20 -10.00
C ILE B 264 15.95 -11.27 -10.84
N TYR B 265 15.34 -10.39 -11.64
CA TYR B 265 16.11 -9.42 -12.44
C TYR B 265 16.92 -8.50 -11.52
N SER B 266 16.28 -7.99 -10.46
CA SER B 266 16.90 -7.07 -9.54
CA SER B 266 16.90 -7.07 -9.54
C SER B 266 18.19 -7.70 -8.98
N PHE B 267 18.08 -8.95 -8.53
CA PHE B 267 19.20 -9.67 -8.03
C PHE B 267 20.29 -9.80 -9.10
N LEU B 268 19.90 -10.25 -10.29
CA LEU B 268 20.86 -10.55 -11.35
C LEU B 268 21.57 -9.26 -11.81
N HIS B 269 20.79 -8.18 -11.99
CA HIS B 269 21.27 -6.88 -12.40
C HIS B 269 22.31 -6.37 -11.41
N CYS B 270 22.02 -6.52 -10.11
CA CYS B 270 22.81 -5.93 -9.05
C CYS B 270 24.03 -6.79 -8.68
N MET B 271 24.23 -7.91 -9.40
CA MET B 271 25.53 -8.60 -9.39
C MET B 271 26.68 -7.70 -9.88
N GLU B 272 26.38 -6.66 -10.67
CA GLU B 272 27.38 -5.69 -11.08
C GLU B 272 26.93 -4.28 -10.68
N SER B 273 27.86 -3.33 -10.83
CA SER B 273 27.66 -1.92 -10.57
C SER B 273 26.40 -1.45 -11.30
N ASP B 274 25.61 -0.64 -10.60
CA ASP B 274 24.63 0.18 -11.20
C ASP B 274 25.16 1.61 -11.10
N PRO B 275 25.28 2.34 -12.23
CA PRO B 275 25.81 3.71 -12.22
C PRO B 275 25.08 4.72 -11.31
N ASP B 276 23.84 4.42 -10.93
CA ASP B 276 23.02 5.30 -10.12
C ASP B 276 23.17 5.00 -8.63
N ILE B 277 23.79 3.87 -8.29
CA ILE B 277 23.85 3.51 -6.91
C ILE B 277 25.31 3.57 -6.47
N PRO B 278 25.67 4.42 -5.50
CA PRO B 278 27.04 4.47 -5.02
C PRO B 278 27.60 3.07 -4.75
N ASP B 279 28.86 2.88 -5.13
CA ASP B 279 29.54 1.64 -4.99
C ASP B 279 30.04 1.48 -3.55
N LEU B 280 29.69 2.40 -2.63
CA LEU B 280 29.93 2.09 -1.22
C LEU B 280 28.82 1.17 -0.68
N TYR B 281 27.72 0.96 -1.42
CA TYR B 281 26.75 -0.07 -1.10
C TYR B 281 27.14 -1.40 -1.76
N ASN B 282 27.13 -2.45 -0.92
CA ASN B 282 27.50 -3.79 -1.32
C ASN B 282 26.37 -4.34 -2.21
N ASN B 283 26.56 -5.55 -2.73
CA ASN B 283 25.63 -6.13 -3.72
C ASN B 283 24.22 -6.35 -3.17
N LEU B 284 24.14 -6.82 -1.93
CA LEU B 284 22.85 -7.07 -1.28
C LEU B 284 22.12 -5.73 -1.08
N GLN B 285 22.82 -4.73 -0.54
CA GLN B 285 22.30 -3.39 -0.34
C GLN B 285 21.79 -2.79 -1.67
N ARG B 286 22.63 -2.89 -2.70
CA ARG B 286 22.34 -2.45 -4.07
C ARG B 286 21.04 -3.11 -4.54
N THR B 287 20.94 -4.43 -4.29
CA THR B 287 19.81 -5.22 -4.73
C THR B 287 18.52 -4.67 -4.09
N ILE B 288 18.56 -4.40 -2.79
CA ILE B 288 17.36 -3.92 -2.08
C ILE B 288 16.99 -2.51 -2.57
N ILE B 289 18.00 -1.63 -2.64
CA ILE B 289 17.84 -0.28 -3.13
C ILE B 289 17.23 -0.30 -4.52
N TYR B 290 17.82 -1.08 -5.45
CA TYR B 290 17.35 -1.15 -6.82
C TYR B 290 15.90 -1.61 -6.85
N SER B 291 15.59 -2.74 -6.15
CA SER B 291 14.21 -3.30 -6.11
C SER B 291 13.19 -2.24 -5.72
N ILE B 292 13.47 -1.54 -4.62
CA ILE B 292 12.54 -0.56 -4.07
C ILE B 292 12.42 0.60 -5.07
N SER B 293 13.53 0.96 -5.71
CA SER B 293 13.52 2.03 -6.69
C SER B 293 12.52 1.73 -7.82
N LEU B 294 12.24 0.44 -8.11
CA LEU B 294 11.30 0.06 -9.19
C LEU B 294 9.83 0.37 -8.86
N GLY B 295 9.52 0.66 -7.58
CA GLY B 295 8.16 1.00 -7.19
C GLY B 295 7.24 -0.21 -7.24
N GLY B 296 5.94 0.05 -7.11
CA GLY B 296 4.92 -0.98 -7.08
C GLY B 296 4.83 -1.64 -5.73
N ASP B 297 4.80 -2.98 -5.72
CA ASP B 297 4.76 -3.77 -4.51
C ASP B 297 6.19 -3.94 -4.04
N THR B 298 6.72 -2.86 -3.49
CA THR B 298 8.09 -2.72 -3.17
C THR B 298 8.46 -3.65 -2.02
N ASP B 299 7.57 -3.82 -1.04
CA ASP B 299 7.85 -4.73 0.11
C ASP B 299 8.11 -6.17 -0.43
N THR B 300 7.24 -6.64 -1.31
CA THR B 300 7.24 -8.02 -1.69
C THR B 300 8.35 -8.26 -2.74
N ILE B 301 8.55 -7.33 -3.67
CA ILE B 301 9.64 -7.46 -4.62
C ILE B 301 11.00 -7.39 -3.90
N ALA B 302 11.16 -6.47 -2.94
CA ALA B 302 12.41 -6.36 -2.20
C ALA B 302 12.61 -7.57 -1.28
N THR B 303 11.55 -8.08 -0.66
CA THR B 303 11.73 -9.25 0.21
C THR B 303 12.20 -10.46 -0.62
N MET B 304 11.72 -10.61 -1.85
CA MET B 304 12.08 -11.73 -2.69
C MET B 304 13.51 -11.57 -3.24
N ALA B 305 13.81 -10.40 -3.81
CA ALA B 305 15.15 -10.14 -4.31
C ALA B 305 16.16 -10.22 -3.19
N GLY B 306 15.77 -9.68 -2.01
CA GLY B 306 16.63 -9.72 -0.85
C GLY B 306 16.94 -11.13 -0.37
N ALA B 307 15.95 -12.03 -0.43
CA ALA B 307 16.13 -13.40 -0.05
C ALA B 307 17.14 -14.08 -0.99
N ILE B 308 17.02 -13.78 -2.29
CA ILE B 308 17.88 -14.39 -3.27
C ILE B 308 19.32 -13.87 -3.03
N ALA B 309 19.44 -12.55 -2.90
CA ALA B 309 20.76 -11.92 -2.68
C ALA B 309 21.40 -12.48 -1.41
N GLY B 310 20.58 -12.63 -0.38
CA GLY B 310 21.06 -13.10 0.92
C GLY B 310 21.68 -14.48 0.83
N ALA B 311 20.97 -15.36 0.12
CA ALA B 311 21.35 -16.70 -0.09
C ALA B 311 22.70 -16.76 -0.83
N TYR B 312 22.85 -15.89 -1.83
CA TYR B 312 24.04 -15.81 -2.69
C TYR B 312 25.25 -15.22 -1.97
N TYR B 313 25.11 -14.01 -1.43
CA TYR B 313 26.27 -13.25 -0.89
C TYR B 313 26.53 -13.59 0.58
N GLY B 314 25.43 -13.97 1.27
CA GLY B 314 25.50 -14.37 2.65
C GLY B 314 25.52 -13.18 3.60
N MET B 315 25.63 -13.54 4.87
CA MET B 315 25.44 -12.67 5.99
C MET B 315 26.52 -11.59 6.03
N ASP B 316 27.68 -11.84 5.44
CA ASP B 316 28.73 -10.82 5.35
C ASP B 316 28.21 -9.52 4.70
N GLN B 317 27.15 -9.57 3.91
CA GLN B 317 26.68 -8.37 3.24
C GLN B 317 25.45 -7.76 3.93
N VAL B 318 25.06 -8.37 5.06
CA VAL B 318 24.01 -7.89 5.91
C VAL B 318 24.66 -7.06 7.00
N THR B 319 24.73 -5.75 6.80
CA THR B 319 25.57 -4.92 7.65
C THR B 319 24.84 -4.64 8.97
N PRO B 320 25.59 -4.50 10.08
CA PRO B 320 24.97 -4.18 11.36
C PRO B 320 24.12 -2.90 11.37
N SER B 321 24.52 -1.83 10.68
CA SER B 321 23.69 -0.64 10.66
C SER B 321 22.33 -0.92 10.01
N TRP B 322 22.27 -1.80 9.01
CA TRP B 322 21.03 -2.07 8.32
C TRP B 322 20.13 -2.99 9.13
N LYS B 323 20.70 -4.10 9.60
CA LYS B 323 19.85 -5.15 10.14
C LYS B 323 19.23 -4.69 11.48
N ARG B 324 19.94 -3.86 12.24
CA ARG B 324 19.51 -3.44 13.55
C ARG B 324 18.26 -2.58 13.44
N SER B 325 17.93 -2.09 12.24
CA SER B 325 16.76 -1.26 12.04
C SER B 325 15.47 -2.10 11.94
N CYS B 326 15.59 -3.43 11.87
CA CYS B 326 14.45 -4.29 11.57
C CYS B 326 13.86 -4.89 12.85
N GLU B 327 12.53 -4.74 12.97
CA GLU B 327 11.76 -5.53 13.91
C GLU B 327 12.16 -7.01 13.76
N ALA B 328 12.41 -7.65 14.90
CA ALA B 328 12.52 -9.11 15.00
C ALA B 328 13.82 -9.65 14.36
N ILE B 329 14.87 -8.81 14.29
CA ILE B 329 16.13 -9.22 13.69
C ILE B 329 16.71 -10.37 14.51
N VAL B 330 16.69 -10.25 15.83
CA VAL B 330 17.27 -11.29 16.71
C VAL B 330 16.55 -12.63 16.53
N GLU B 331 15.22 -12.60 16.55
CA GLU B 331 14.41 -13.81 16.37
C GLU B 331 14.70 -14.40 15.00
N THR B 332 14.89 -13.54 13.99
CA THR B 332 15.12 -13.99 12.63
C THR B 332 16.46 -14.73 12.54
N GLU B 333 17.51 -14.16 13.16
CA GLU B 333 18.81 -14.73 13.17
C GLU B 333 18.75 -16.08 13.88
N GLU B 334 18.02 -16.12 14.99
CA GLU B 334 17.85 -17.34 15.74
C GLU B 334 17.17 -18.40 14.86
N SER B 335 16.17 -17.97 14.10
CA SER B 335 15.42 -18.90 13.28
C SER B 335 16.31 -19.42 12.15
N ALA B 336 17.27 -18.62 11.66
CA ALA B 336 18.19 -19.02 10.59
C ALA B 336 19.06 -20.19 11.06
N VAL B 337 19.49 -20.14 12.31
CA VAL B 337 20.29 -21.18 12.88
C VAL B 337 19.46 -22.48 12.89
N LYS B 338 18.20 -22.40 13.33
CA LYS B 338 17.34 -23.60 13.40
C LYS B 338 17.09 -24.18 12.00
N LEU B 339 16.93 -23.31 11.01
CA LEU B 339 16.71 -23.72 9.65
C LEU B 339 17.96 -24.39 9.10
N TYR B 340 19.11 -23.82 9.44
CA TYR B 340 20.38 -24.33 8.99
C TYR B 340 20.57 -25.75 9.55
N GLU B 341 20.18 -25.98 10.80
CA GLU B 341 20.33 -27.30 11.37
C GLU B 341 19.40 -28.29 10.65
N LEU B 342 18.22 -27.84 10.27
CA LEU B 342 17.27 -28.67 9.51
C LEU B 342 17.91 -29.14 8.20
N TYR B 343 18.50 -28.17 7.51
CA TYR B 343 19.13 -28.36 6.26
C TYR B 343 20.21 -29.44 6.40
N CYS B 344 21.08 -29.27 7.39
CA CYS B 344 22.17 -30.21 7.67
C CYS B 344 21.62 -31.62 7.95
N LYS B 345 20.56 -31.69 8.74
CA LYS B 345 19.90 -32.95 9.06
C LYS B 345 19.44 -33.64 7.76
N GLN B 346 18.87 -32.89 6.82
CA GLN B 346 18.43 -33.42 5.50
C GLN B 346 19.60 -34.01 4.70
N LEU B 347 20.83 -33.51 4.88
CA LEU B 347 22.02 -34.24 4.36
C LEU B 347 22.43 -35.31 5.37
#